data_4Y0W
#
_entry.id   4Y0W
#
_cell.length_a   78.030
_cell.length_b   198.443
_cell.length_c   161.350
_cell.angle_alpha   90.00
_cell.angle_beta   90.00
_cell.angle_gamma   90.00
#
_symmetry.space_group_name_H-M   'C 2 2 21'
#
loop_
_entity.id
_entity.type
_entity.pdbx_description
1 polymer YeaZ
2 non-polymer 'SODIUM ION'
3 water water
#
_entity_poly.entity_id   1
_entity_poly.type   'polypeptide(L)'
_entity_poly.pdbx_seq_one_letter_code
;HHHHHHMSTLLALDTSTEACSVALLHEGRALSHYEVIPRLHAQRLLPMVRDLLDEAGVALSAVDAIAFGRGPGAFTGVRI
AIGVVQGLAFALQRPVLAVSDLAILAQRAYREQGAERVAAAIDARMDEVYWGCYQLQQGEMRLAGSEAVLPPERVAVPWD
AAAADWFGAGTGWGYVERMPQRPVALDASLLPHAEDLLSLAGFAWARGEGVEAEQALPVYLRDNVATPKKAP
;
_entity_poly.pdbx_strand_id   A,B,C,D,E
#
loop_
_chem_comp.id
_chem_comp.type
_chem_comp.name
_chem_comp.formula
NA non-polymer 'SODIUM ION' 'Na 1'
#
# COMPACT_ATOMS: atom_id res chain seq x y z
N MET A 7 -41.12 -4.14 -20.03
CA MET A 7 -40.85 -4.87 -21.32
C MET A 7 -39.34 -4.93 -21.70
N SER A 8 -38.57 -3.89 -21.38
CA SER A 8 -37.11 -3.87 -21.61
C SER A 8 -36.29 -4.17 -20.36
N THR A 9 -35.24 -4.99 -20.53
CA THR A 9 -34.38 -5.39 -19.39
C THR A 9 -32.98 -4.75 -19.56
N LEU A 10 -32.63 -3.86 -18.62
CA LEU A 10 -31.36 -3.14 -18.67
C LEU A 10 -30.57 -3.37 -17.39
N LEU A 11 -29.28 -3.60 -17.57
CA LEU A 11 -28.34 -3.73 -16.47
C LEU A 11 -27.54 -2.44 -16.44
N ALA A 12 -27.22 -1.98 -15.23
CA ALA A 12 -26.54 -0.68 -15.06
C ALA A 12 -25.46 -0.82 -14.04
N LEU A 13 -24.26 -0.30 -14.30
CA LEU A 13 -23.26 -0.29 -13.25
C LEU A 13 -22.44 0.97 -13.21
N ASP A 14 -21.98 1.30 -12.02
CA ASP A 14 -21.13 2.45 -11.85
C ASP A 14 -20.05 2.18 -10.83
N THR A 15 -18.81 2.50 -11.20
CA THR A 15 -17.66 2.32 -10.31
C THR A 15 -16.73 3.51 -10.41
N SER A 16 -17.28 4.67 -10.68
CA SER A 16 -16.47 5.86 -10.99
C SER A 16 -15.90 6.60 -9.77
N THR A 17 -16.41 6.24 -8.60
CA THR A 17 -16.10 6.88 -7.33
C THR A 17 -15.80 5.78 -6.31
N GLU A 18 -15.75 6.16 -5.04
CA GLU A 18 -15.61 5.20 -3.93
C GLU A 18 -16.76 4.17 -3.89
N ALA A 19 -17.91 4.53 -4.43
CA ALA A 19 -19.09 3.67 -4.40
C ALA A 19 -19.14 2.73 -5.58
N CYS A 20 -19.58 1.51 -5.33
CA CYS A 20 -19.83 0.57 -6.39
C CYS A 20 -21.31 0.30 -6.32
N SER A 21 -22.00 0.44 -7.45
CA SER A 21 -23.42 0.15 -7.46
C SER A 21 -23.80 -0.50 -8.77
N VAL A 22 -24.87 -1.28 -8.69
CA VAL A 22 -25.34 -2.06 -9.80
C VAL A 22 -26.86 -1.97 -9.75
N ALA A 23 -27.53 -1.94 -10.91
CA ALA A 23 -28.98 -1.86 -10.95
C ALA A 23 -29.57 -2.58 -12.13
N LEU A 24 -30.85 -2.94 -11.99
CA LEU A 24 -31.57 -3.72 -12.97
C LEU A 24 -33.02 -3.28 -13.20
N LEU A 25 -33.36 -3.01 -14.46
CA LEU A 25 -34.75 -2.81 -14.84
C LEU A 25 -35.25 -4.11 -15.44
N HIS A 26 -36.31 -4.64 -14.86
CA HIS A 26 -36.90 -5.87 -15.35
C HIS A 26 -38.41 -5.82 -15.18
N GLU A 27 -39.11 -5.92 -16.30
CA GLU A 27 -40.57 -5.86 -16.32
C GLU A 27 -41.12 -4.63 -15.60
N GLY A 28 -40.47 -3.49 -15.75
CA GLY A 28 -40.93 -2.25 -15.14
C GLY A 28 -40.46 -2.01 -13.72
N ARG A 29 -39.82 -3.01 -13.11
CA ARG A 29 -39.30 -2.88 -11.75
C ARG A 29 -37.80 -2.63 -11.69
N ALA A 30 -37.43 -1.75 -10.78
CA ALA A 30 -36.04 -1.37 -10.59
C ALA A 30 -35.54 -2.02 -9.36
N LEU A 31 -34.30 -2.48 -9.40
CA LEU A 31 -33.66 -3.05 -8.26
C LEU A 31 -32.22 -2.62 -8.30
N SER A 32 -31.67 -2.28 -7.13
CA SER A 32 -30.29 -1.81 -7.04
C SER A 32 -29.64 -2.09 -5.71
N HIS A 33 -28.33 -2.30 -5.77
CA HIS A 33 -27.46 -2.43 -4.61
C HIS A 33 -26.38 -1.36 -4.76
N TYR A 34 -26.08 -0.70 -3.65
CA TYR A 34 -25.12 0.38 -3.57
C TYR A 34 -24.23 0.03 -2.40
N GLU A 35 -22.93 0.07 -2.59
CA GLU A 35 -22.01 -0.28 -1.52
C GLU A 35 -20.85 0.66 -1.62
N VAL A 36 -20.55 1.37 -0.51
CA VAL A 36 -19.40 2.27 -0.45
C VAL A 36 -18.28 1.61 0.30
N ILE A 37 -17.21 1.34 -0.42
CA ILE A 37 -16.10 0.68 0.18
C ILE A 37 -14.81 1.03 -0.53
N PRO A 38 -13.70 0.87 0.21
CA PRO A 38 -12.34 1.01 -0.30
C PRO A 38 -11.84 -0.17 -1.15
N ARG A 39 -12.64 -1.21 -1.35
CA ARG A 39 -12.17 -2.30 -2.16
C ARG A 39 -11.91 -1.74 -3.49
N LEU A 40 -10.93 -2.30 -4.16
CA LEU A 40 -10.75 -2.04 -5.54
C LEU A 40 -11.94 -2.68 -6.17
N HIS A 41 -12.49 -2.05 -7.17
CA HIS A 41 -13.73 -2.48 -7.73
C HIS A 41 -13.58 -3.81 -8.39
N ALA A 42 -12.36 -4.10 -8.82
CA ALA A 42 -12.13 -5.24 -9.66
C ALA A 42 -12.59 -6.45 -8.92
N GLN A 43 -12.41 -6.44 -7.64
CA GLN A 43 -12.96 -7.48 -6.82
C GLN A 43 -14.46 -7.53 -6.73
N ARG A 44 -15.13 -6.41 -6.55
CA ARG A 44 -16.53 -6.46 -6.19
C ARG A 44 -17.60 -6.21 -7.24
N LEU A 45 -17.24 -5.69 -8.39
CA LEU A 45 -18.26 -5.39 -9.37
C LEU A 45 -18.98 -6.62 -9.92
N LEU A 46 -18.26 -7.63 -10.35
CA LEU A 46 -18.89 -8.88 -10.84
C LEU A 46 -19.74 -9.61 -9.80
N PRO A 47 -19.23 -9.77 -8.56
CA PRO A 47 -20.06 -10.38 -7.53
C PRO A 47 -21.38 -9.65 -7.28
N MET A 48 -21.35 -8.32 -7.33
CA MET A 48 -22.56 -7.52 -7.15
C MET A 48 -23.57 -7.77 -8.30
N VAL A 49 -23.03 -7.89 -9.50
CA VAL A 49 -23.85 -8.19 -10.69
C VAL A 49 -24.51 -9.55 -10.53
N ARG A 50 -23.69 -10.51 -10.12
N ARG A 50 -23.71 -10.54 -10.14
CA ARG A 50 -24.12 -11.87 -9.87
CA ARG A 50 -24.21 -11.88 -9.89
C ARG A 50 -25.28 -11.88 -8.86
C ARG A 50 -25.32 -11.86 -8.86
N ASP A 51 -25.08 -11.22 -7.73
CA ASP A 51 -26.06 -11.20 -6.64
C ASP A 51 -27.39 -10.56 -7.01
N LEU A 52 -27.30 -9.46 -7.74
CA LEU A 52 -28.50 -8.75 -8.16
C LEU A 52 -29.35 -9.59 -9.14
N LEU A 53 -28.67 -10.22 -10.11
CA LEU A 53 -29.35 -11.04 -11.11
C LEU A 53 -30.07 -12.21 -10.42
N ASP A 54 -29.37 -12.83 -9.50
CA ASP A 54 -29.93 -13.96 -8.75
C ASP A 54 -31.04 -13.45 -7.85
N GLU A 55 -30.79 -12.37 -7.14
CA GLU A 55 -31.87 -11.80 -6.35
C GLU A 55 -33.12 -11.51 -7.23
N ALA A 56 -32.95 -10.94 -8.42
CA ALA A 56 -34.12 -10.61 -9.25
C ALA A 56 -34.69 -11.81 -9.98
N GLY A 57 -33.93 -12.89 -10.05
CA GLY A 57 -34.36 -14.07 -10.77
C GLY A 57 -34.28 -13.84 -12.25
N VAL A 58 -33.29 -13.05 -12.67
CA VAL A 58 -33.09 -12.75 -14.09
C VAL A 58 -31.77 -13.34 -14.56
N ALA A 59 -31.80 -13.91 -15.76
CA ALA A 59 -30.64 -14.46 -16.39
C ALA A 59 -29.84 -13.37 -17.11
N LEU A 60 -28.54 -13.46 -17.07
CA LEU A 60 -27.70 -12.52 -17.80
C LEU A 60 -28.14 -12.32 -19.28
N SER A 61 -28.57 -13.42 -19.91
CA SER A 61 -28.97 -13.46 -21.32
C SER A 61 -30.27 -12.70 -21.64
N ALA A 62 -31.06 -12.41 -20.60
CA ALA A 62 -32.29 -11.60 -20.71
C ALA A 62 -32.04 -10.10 -20.76
N VAL A 63 -30.80 -9.70 -20.53
CA VAL A 63 -30.41 -8.30 -20.61
C VAL A 63 -30.39 -7.83 -22.08
N ASP A 64 -31.10 -6.73 -22.33
CA ASP A 64 -31.14 -6.14 -23.66
C ASP A 64 -29.99 -5.18 -23.92
N ALA A 65 -29.49 -4.54 -22.84
CA ALA A 65 -28.39 -3.57 -22.95
C ALA A 65 -27.81 -3.25 -21.60
N ILE A 66 -26.59 -2.73 -21.62
CA ILE A 66 -25.84 -2.48 -20.39
C ILE A 66 -25.39 -1.03 -20.35
N ALA A 67 -25.75 -0.35 -19.28
CA ALA A 67 -25.37 1.03 -19.10
C ALA A 67 -24.19 1.08 -18.15
N PHE A 68 -23.34 2.06 -18.33
CA PHE A 68 -22.27 2.34 -17.39
C PHE A 68 -22.05 3.85 -17.30
N GLY A 69 -21.57 4.29 -16.14
CA GLY A 69 -21.05 5.65 -15.99
C GLY A 69 -19.71 5.72 -16.68
N ARG A 70 -19.59 6.62 -17.63
CA ARG A 70 -18.35 6.76 -18.37
C ARG A 70 -17.42 7.82 -17.79
N GLY A 71 -17.62 8.13 -16.51
CA GLY A 71 -16.91 9.23 -15.88
C GLY A 71 -17.59 10.55 -16.19
N PRO A 72 -17.03 11.65 -15.71
CA PRO A 72 -15.72 11.67 -15.06
C PRO A 72 -15.75 11.15 -13.62
N GLY A 73 -14.54 10.93 -13.10
CA GLY A 73 -14.32 10.41 -11.74
C GLY A 73 -12.94 9.77 -11.65
N ALA A 74 -12.78 8.84 -10.71
CA ALA A 74 -11.52 8.11 -10.54
C ALA A 74 -11.33 7.26 -11.78
N PHE A 75 -10.35 7.61 -12.60
CA PHE A 75 -10.19 6.95 -13.90
C PHE A 75 -9.57 5.54 -13.82
N THR A 76 -9.53 4.96 -12.62
CA THR A 76 -9.19 3.56 -12.40
C THR A 76 -10.51 2.77 -12.39
N GLY A 77 -11.48 3.23 -11.61
CA GLY A 77 -12.78 2.60 -11.51
C GLY A 77 -13.60 2.75 -12.78
N VAL A 78 -13.42 3.88 -13.45
CA VAL A 78 -14.05 4.13 -14.73
C VAL A 78 -13.48 3.16 -15.77
N ARG A 79 -12.15 3.00 -15.78
CA ARG A 79 -11.50 2.05 -16.67
C ARG A 79 -11.99 0.60 -16.44
N ILE A 80 -12.04 0.17 -15.18
CA ILE A 80 -12.67 -1.10 -14.83
C ILE A 80 -14.03 -1.27 -15.44
N ALA A 81 -14.93 -0.33 -15.16
CA ALA A 81 -16.28 -0.32 -15.76
C ALA A 81 -16.30 -0.43 -17.30
N ILE A 82 -15.47 0.33 -17.97
CA ILE A 82 -15.47 0.34 -19.44
C ILE A 82 -15.15 -1.06 -19.97
N GLY A 83 -14.24 -1.75 -19.29
CA GLY A 83 -13.78 -3.06 -19.71
C GLY A 83 -14.78 -4.18 -19.42
N VAL A 84 -15.26 -4.23 -18.20
CA VAL A 84 -16.23 -5.23 -17.83
C VAL A 84 -17.43 -5.18 -18.77
N VAL A 85 -17.98 -4.00 -18.94
CA VAL A 85 -19.20 -3.81 -19.73
C VAL A 85 -18.94 -4.19 -21.20
N GLN A 86 -17.76 -3.84 -21.69
CA GLN A 86 -17.42 -4.14 -23.07
C GLN A 86 -17.27 -5.64 -23.26
N GLY A 87 -16.68 -6.28 -22.27
CA GLY A 87 -16.53 -7.73 -22.23
C GLY A 87 -17.86 -8.44 -22.07
N LEU A 88 -18.67 -8.04 -21.08
CA LEU A 88 -20.01 -8.62 -20.95
C LEU A 88 -20.78 -8.46 -22.24
N ALA A 89 -20.69 -7.30 -22.88
CA ALA A 89 -21.52 -7.05 -24.07
C ALA A 89 -21.01 -7.74 -25.33
N PHE A 90 -19.71 -7.91 -25.46
CA PHE A 90 -19.13 -8.60 -26.61
C PHE A 90 -19.59 -10.05 -26.63
N ALA A 91 -19.63 -10.64 -25.45
CA ALA A 91 -20.01 -12.03 -25.27
C ALA A 91 -21.52 -12.25 -25.39
N LEU A 92 -22.31 -11.34 -24.86
CA LEU A 92 -23.77 -11.40 -25.05
C LEU A 92 -24.21 -10.95 -26.43
N GLN A 93 -23.36 -10.17 -27.10
CA GLN A 93 -23.72 -9.42 -28.32
C GLN A 93 -24.90 -8.48 -28.08
N ARG A 94 -24.74 -7.57 -27.12
CA ARG A 94 -25.77 -6.59 -26.76
C ARG A 94 -25.17 -5.19 -26.69
N PRO A 95 -25.99 -4.16 -26.89
CA PRO A 95 -25.46 -2.82 -26.91
C PRO A 95 -25.07 -2.29 -25.55
N VAL A 96 -24.17 -1.32 -25.64
CA VAL A 96 -23.65 -0.57 -24.53
C VAL A 96 -24.18 0.89 -24.51
N LEU A 97 -24.50 1.37 -23.33
CA LEU A 97 -25.04 2.72 -23.14
C LEU A 97 -24.15 3.54 -22.20
N ALA A 98 -23.21 4.30 -22.76
CA ALA A 98 -22.37 5.23 -21.99
C ALA A 98 -23.17 6.40 -21.45
N VAL A 99 -23.12 6.64 -20.14
CA VAL A 99 -23.82 7.76 -19.56
C VAL A 99 -22.92 8.55 -18.65
N SER A 100 -23.09 9.86 -18.67
CA SER A 100 -22.24 10.77 -17.91
C SER A 100 -22.53 10.68 -16.44
N ASP A 101 -21.45 10.65 -15.67
CA ASP A 101 -21.58 10.70 -14.21
C ASP A 101 -22.10 12.02 -13.67
N LEU A 102 -21.94 13.10 -14.45
CA LEU A 102 -22.46 14.38 -14.07
C LEU A 102 -23.97 14.33 -14.19
N ALA A 103 -24.45 13.68 -15.23
CA ALA A 103 -25.90 13.48 -15.40
C ALA A 103 -26.47 12.57 -14.31
N ILE A 104 -25.74 11.53 -13.96
CA ILE A 104 -26.22 10.62 -12.94
C ILE A 104 -26.46 11.36 -11.63
N LEU A 105 -25.51 12.21 -11.28
CA LEU A 105 -25.65 13.06 -10.11
C LEU A 105 -26.90 13.89 -10.15
N ALA A 106 -27.14 14.50 -11.29
CA ALA A 106 -28.32 15.34 -11.47
C ALA A 106 -29.55 14.54 -11.29
N GLN A 107 -29.59 13.38 -11.93
CA GLN A 107 -30.76 12.51 -11.82
C GLN A 107 -30.96 12.11 -10.38
N ARG A 108 -29.86 11.87 -9.65
CA ARG A 108 -29.94 11.54 -8.23
C ARG A 108 -30.43 12.70 -7.36
N ALA A 109 -29.91 13.91 -7.57
CA ALA A 109 -30.38 15.08 -6.81
C ALA A 109 -31.88 15.32 -7.08
N TYR A 110 -32.32 15.12 -8.31
CA TYR A 110 -33.73 15.18 -8.61
C TYR A 110 -34.56 14.10 -7.86
N ARG A 111 -34.12 12.85 -7.87
CA ARG A 111 -34.86 11.80 -7.20
C ARG A 111 -34.89 12.03 -5.68
N GLU A 112 -33.72 12.26 -5.09
CA GLU A 112 -33.59 12.42 -3.64
C GLU A 112 -34.07 13.76 -3.09
N GLN A 113 -33.85 14.83 -3.84
CA GLN A 113 -34.07 16.16 -3.30
C GLN A 113 -35.12 17.00 -4.06
N GLY A 114 -35.63 16.49 -5.17
CA GLY A 114 -36.68 17.19 -5.93
C GLY A 114 -36.19 18.29 -6.85
N ALA A 115 -34.88 18.39 -7.02
CA ALA A 115 -34.27 19.50 -7.74
C ALA A 115 -34.36 19.33 -9.25
N GLU A 116 -34.90 20.35 -9.91
CA GLU A 116 -35.16 20.28 -11.33
C GLU A 116 -34.09 21.00 -12.16
N ARG A 117 -33.24 21.76 -11.48
CA ARG A 117 -32.08 22.35 -12.10
C ARG A 117 -30.87 22.06 -11.22
N VAL A 118 -29.91 21.33 -11.77
CA VAL A 118 -28.78 20.85 -11.00
C VAL A 118 -27.51 21.15 -11.75
N ALA A 119 -26.60 21.79 -11.02
CA ALA A 119 -25.23 22.01 -11.45
C ALA A 119 -24.35 20.98 -10.74
N ALA A 120 -23.99 19.95 -11.50
CA ALA A 120 -23.18 18.85 -11.05
C ALA A 120 -21.76 19.23 -11.24
N ALA A 121 -20.95 18.99 -10.23
CA ALA A 121 -19.52 19.25 -10.35
C ALA A 121 -18.75 18.15 -9.61
N ILE A 122 -17.74 17.60 -10.27
CA ILE A 122 -16.97 16.50 -9.70
C ILE A 122 -15.53 16.90 -9.67
N ASP A 123 -14.85 16.64 -8.54
CA ASP A 123 -13.47 17.09 -8.41
C ASP A 123 -12.64 16.43 -9.47
N ALA A 124 -11.72 17.18 -10.03
CA ALA A 124 -10.91 16.72 -11.13
C ALA A 124 -9.48 16.93 -10.77
N ARG A 125 -8.59 16.39 -11.58
CA ARG A 125 -7.17 16.50 -11.33
C ARG A 125 -6.69 17.92 -11.53
N MET A 126 -5.80 18.34 -10.63
CA MET A 126 -5.03 19.58 -10.80
C MET A 126 -5.80 20.89 -10.82
N ASP A 127 -6.56 21.12 -9.74
CA ASP A 127 -7.20 22.41 -9.52
C ASP A 127 -8.27 22.76 -10.53
N GLU A 128 -8.91 21.72 -11.04
CA GLU A 128 -10.02 21.86 -11.91
C GLU A 128 -11.14 21.00 -11.35
N VAL A 129 -12.31 21.18 -11.96
CA VAL A 129 -13.50 20.40 -11.65
C VAL A 129 -14.14 20.08 -12.97
N TYR A 130 -14.84 18.97 -12.99
CA TYR A 130 -15.61 18.61 -14.10
C TYR A 130 -16.92 19.29 -13.81
N TRP A 131 -17.59 19.79 -14.87
CA TRP A 131 -18.74 20.67 -14.74
C TRP A 131 -19.80 20.35 -15.77
N GLY A 132 -21.04 20.21 -15.32
CA GLY A 132 -22.13 20.00 -16.24
C GLY A 132 -23.44 20.40 -15.60
N CYS A 133 -24.25 21.17 -16.34
CA CYS A 133 -25.56 21.61 -15.83
C CYS A 133 -26.71 20.90 -16.48
N TYR A 134 -27.72 20.61 -15.67
CA TYR A 134 -28.77 19.69 -16.05
C TYR A 134 -30.10 20.24 -15.65
N GLN A 135 -31.08 20.05 -16.52
CA GLN A 135 -32.42 20.52 -16.27
C GLN A 135 -33.41 19.45 -16.64
N LEU A 136 -34.42 19.28 -15.79
CA LEU A 136 -35.44 18.27 -16.00
C LEU A 136 -36.28 18.45 -17.27
N GLN A 137 -36.43 17.35 -18.00
CA GLN A 137 -37.36 17.26 -19.11
C GLN A 137 -38.03 15.91 -19.08
N GLN A 138 -39.32 15.91 -18.78
CA GLN A 138 -40.15 14.72 -18.88
C GLN A 138 -39.55 13.59 -18.06
N GLY A 139 -39.16 13.92 -16.84
CA GLY A 139 -38.66 12.91 -15.91
C GLY A 139 -37.17 12.64 -15.99
N GLU A 140 -36.55 13.14 -17.05
CA GLU A 140 -35.10 12.97 -17.29
C GLU A 140 -34.30 14.27 -17.16
N MET A 141 -33.17 14.22 -16.46
CA MET A 141 -32.33 15.39 -16.34
C MET A 141 -31.51 15.50 -17.59
N ARG A 142 -31.54 16.67 -18.19
CA ARG A 142 -31.03 16.82 -19.53
C ARG A 142 -29.99 17.93 -19.56
N LEU A 143 -28.88 17.65 -20.23
CA LEU A 143 -27.76 18.57 -20.25
C LEU A 143 -28.06 19.83 -21.00
N ALA A 144 -27.65 20.96 -20.45
CA ALA A 144 -27.65 22.24 -21.13
C ALA A 144 -26.34 22.94 -20.85
N GLY A 145 -25.44 23.17 -21.80
CA GLY A 145 -25.43 22.63 -23.15
C GLY A 145 -24.20 21.76 -23.38
N SER A 146 -23.08 22.03 -22.69
CA SER A 146 -22.00 21.03 -22.64
C SER A 146 -21.21 20.90 -21.30
N GLU A 147 -20.50 19.78 -21.18
CA GLU A 147 -19.67 19.48 -20.02
C GLU A 147 -18.26 19.93 -20.25
N ALA A 148 -17.61 20.37 -19.18
CA ALA A 148 -16.25 20.84 -19.33
C ALA A 148 -15.46 20.53 -18.10
N VAL A 149 -14.15 20.66 -18.25
CA VAL A 149 -13.26 20.51 -17.16
C VAL A 149 -12.62 21.87 -17.04
N LEU A 150 -12.82 22.54 -15.90
CA LEU A 150 -12.58 23.97 -15.77
C LEU A 150 -11.99 24.29 -14.42
N PRO A 151 -11.22 25.37 -14.34
CA PRO A 151 -10.96 25.91 -13.00
C PRO A 151 -12.25 26.44 -12.38
N PRO A 152 -12.32 26.42 -11.06
CA PRO A 152 -13.59 26.73 -10.44
C PRO A 152 -14.05 28.15 -10.69
N GLU A 153 -13.12 29.04 -10.99
CA GLU A 153 -13.49 30.45 -11.20
C GLU A 153 -14.21 30.69 -12.53
N ARG A 154 -14.17 29.74 -13.45
CA ARG A 154 -14.79 29.89 -14.74
C ARG A 154 -16.10 29.12 -14.90
N VAL A 155 -16.58 28.39 -13.88
CA VAL A 155 -17.81 27.64 -14.09
C VAL A 155 -19.02 28.57 -14.26
N ALA A 156 -20.02 28.12 -15.01
CA ALA A 156 -21.21 28.91 -15.27
C ALA A 156 -22.50 28.10 -15.40
N VAL A 157 -23.61 28.72 -15.05
CA VAL A 157 -24.92 28.09 -15.17
C VAL A 157 -25.68 28.72 -16.35
N PRO A 158 -26.50 27.94 -17.07
CA PRO A 158 -27.28 28.46 -18.19
C PRO A 158 -28.65 29.10 -17.82
N TRP A 159 -29.05 29.01 -16.57
CA TRP A 159 -30.24 29.68 -16.09
C TRP A 159 -29.78 30.88 -15.28
N ASP A 160 -30.73 31.71 -14.87
CA ASP A 160 -30.43 32.89 -14.06
C ASP A 160 -29.99 32.42 -12.69
N ALA A 161 -28.78 32.78 -12.32
CA ALA A 161 -28.17 32.27 -11.12
C ALA A 161 -28.95 32.62 -9.85
N ALA A 162 -29.63 33.76 -9.83
CA ALA A 162 -30.34 34.21 -8.62
C ALA A 162 -31.84 33.87 -8.63
N ALA A 163 -32.52 34.24 -9.72
CA ALA A 163 -33.99 34.04 -9.86
C ALA A 163 -34.41 32.56 -9.90
N ALA A 164 -33.69 31.77 -10.69
CA ALA A 164 -33.99 30.34 -10.82
C ALA A 164 -33.63 29.59 -9.55
N ASP A 165 -34.23 28.41 -9.43
CA ASP A 165 -34.03 27.56 -8.28
C ASP A 165 -33.21 26.35 -8.67
N TRP A 166 -31.98 26.34 -8.17
CA TRP A 166 -31.04 25.31 -8.54
C TRP A 166 -30.20 24.82 -7.39
N PHE A 167 -29.67 23.61 -7.57
CA PHE A 167 -29.03 22.84 -6.51
C PHE A 167 -27.67 22.45 -7.01
N GLY A 168 -26.69 22.45 -6.13
CA GLY A 168 -25.32 22.11 -6.51
C GLY A 168 -25.07 20.72 -6.00
N ALA A 169 -24.57 19.84 -6.88
CA ALA A 169 -24.32 18.46 -6.47
C ALA A 169 -22.97 17.97 -6.90
N GLY A 170 -22.27 17.35 -5.95
CA GLY A 170 -21.06 16.61 -6.22
C GLY A 170 -19.83 17.17 -5.54
N THR A 171 -18.77 16.36 -5.50
CA THR A 171 -17.53 16.69 -4.82
C THR A 171 -16.88 17.96 -5.31
N GLY A 172 -17.15 18.37 -6.55
CA GLY A 172 -16.63 19.65 -7.02
C GLY A 172 -17.11 20.84 -6.20
N TRP A 173 -18.25 20.70 -5.53
CA TRP A 173 -18.75 21.82 -4.76
C TRP A 173 -17.87 22.11 -3.55
N GLY A 174 -16.87 21.26 -3.32
CA GLY A 174 -15.75 21.64 -2.42
C GLY A 174 -15.10 22.98 -2.76
N TYR A 175 -15.16 23.37 -4.03
CA TYR A 175 -14.54 24.61 -4.53
C TYR A 175 -15.50 25.80 -4.57
N VAL A 176 -16.64 25.71 -3.89
CA VAL A 176 -17.71 26.68 -4.03
C VAL A 176 -17.30 28.15 -3.79
N GLU A 177 -16.38 28.36 -2.85
CA GLU A 177 -15.89 29.71 -2.57
C GLU A 177 -15.17 30.36 -3.72
N ARG A 178 -14.64 29.56 -4.64
CA ARG A 178 -13.88 30.09 -5.76
C ARG A 178 -14.74 30.24 -7.00
N MET A 179 -15.98 29.80 -6.92
CA MET A 179 -16.91 29.87 -8.03
C MET A 179 -17.58 31.25 -8.17
N PRO A 180 -17.94 31.65 -9.41
CA PRO A 180 -18.57 32.99 -9.57
C PRO A 180 -20.00 33.10 -9.04
N GLN A 181 -20.70 31.97 -8.91
CA GLN A 181 -22.00 31.92 -8.25
C GLN A 181 -22.11 30.67 -7.40
N ARG A 182 -23.14 30.64 -6.57
CA ARG A 182 -23.45 29.48 -5.76
C ARG A 182 -24.94 29.39 -5.53
N PRO A 183 -25.46 28.18 -5.33
CA PRO A 183 -26.90 28.01 -5.11
C PRO A 183 -27.29 28.13 -3.65
N VAL A 184 -28.58 28.19 -3.39
CA VAL A 184 -29.04 28.22 -2.00
C VAL A 184 -28.59 26.92 -1.31
N ALA A 185 -28.87 25.79 -1.93
CA ALA A 185 -28.47 24.49 -1.37
C ALA A 185 -27.53 23.72 -2.28
N LEU A 186 -26.60 22.98 -1.67
CA LEU A 186 -25.75 22.08 -2.38
C LEU A 186 -25.43 20.86 -1.53
N ASP A 187 -24.84 19.86 -2.17
CA ASP A 187 -24.38 18.64 -1.50
C ASP A 187 -23.11 18.14 -2.16
N ALA A 188 -21.99 18.52 -1.56
CA ALA A 188 -20.65 18.17 -2.01
C ALA A 188 -20.22 16.74 -1.72
N SER A 189 -21.10 15.94 -1.12
CA SER A 189 -20.77 14.54 -0.79
C SER A 189 -21.51 13.61 -1.71
N LEU A 190 -22.40 14.14 -2.52
CA LEU A 190 -23.22 13.30 -3.40
C LEU A 190 -22.40 12.56 -4.47
N LEU A 191 -22.72 11.28 -4.63
CA LEU A 191 -22.01 10.40 -5.56
C LEU A 191 -22.99 9.76 -6.52
N PRO A 192 -22.49 9.25 -7.66
CA PRO A 192 -23.36 8.57 -8.62
C PRO A 192 -23.93 7.30 -8.03
N HIS A 193 -25.14 6.95 -8.44
CA HIS A 193 -25.85 5.76 -7.99
C HIS A 193 -26.48 5.06 -9.22
N ALA A 194 -26.29 3.75 -9.30
CA ALA A 194 -26.67 2.98 -10.49
C ALA A 194 -28.18 3.06 -10.78
N GLU A 195 -28.99 3.17 -9.73
CA GLU A 195 -30.44 3.39 -9.88
C GLU A 195 -30.78 4.59 -10.74
N ASP A 196 -29.99 5.65 -10.60
CA ASP A 196 -30.26 6.88 -11.37
C ASP A 196 -29.65 6.78 -12.76
N LEU A 197 -28.53 6.05 -12.82
CA LEU A 197 -28.00 5.57 -14.12
C LEU A 197 -29.03 4.75 -14.88
N LEU A 198 -29.72 3.86 -14.19
CA LEU A 198 -30.79 3.09 -14.82
C LEU A 198 -31.86 4.00 -15.42
N SER A 199 -32.36 4.93 -14.62
CA SER A 199 -33.40 5.87 -15.09
C SER A 199 -32.92 6.50 -16.40
N LEU A 200 -31.69 7.03 -16.40
CA LEU A 200 -31.17 7.68 -17.59
C LEU A 200 -30.96 6.68 -18.76
N ALA A 201 -30.45 5.48 -18.48
CA ALA A 201 -30.30 4.43 -19.50
C ALA A 201 -31.60 4.17 -20.27
N GLY A 202 -32.72 4.07 -19.54
CA GLY A 202 -34.03 3.95 -20.15
C GLY A 202 -34.39 5.04 -21.15
N PHE A 203 -34.12 6.29 -20.80
CA PHE A 203 -34.38 7.36 -21.73
C PHE A 203 -33.48 7.25 -22.97
N ALA A 204 -32.24 6.85 -22.76
CA ALA A 204 -31.31 6.74 -23.89
C ALA A 204 -31.69 5.56 -24.77
N TRP A 205 -32.02 4.44 -24.15
CA TRP A 205 -32.45 3.23 -24.87
C TRP A 205 -33.67 3.53 -25.71
N ALA A 206 -34.64 4.21 -25.10
CA ALA A 206 -35.84 4.61 -25.83
C ALA A 206 -35.56 5.51 -27.02
N ARG A 207 -34.39 6.12 -27.10
CA ARG A 207 -34.06 6.93 -28.27
C ARG A 207 -33.25 6.18 -29.31
N GLY A 208 -33.05 4.87 -29.11
CA GLY A 208 -32.28 4.09 -30.08
C GLY A 208 -30.78 4.24 -29.94
N GLU A 209 -30.35 4.71 -28.77
CA GLU A 209 -28.93 4.76 -28.46
C GLU A 209 -28.51 3.38 -28.06
N GLY A 210 -27.23 3.15 -28.09
CA GLY A 210 -26.72 1.83 -27.84
C GLY A 210 -25.69 1.49 -28.88
N VAL A 211 -24.54 1.05 -28.41
CA VAL A 211 -23.41 0.79 -29.28
C VAL A 211 -22.90 -0.65 -29.06
N GLU A 212 -22.64 -1.36 -30.15
CA GLU A 212 -22.03 -2.66 -30.06
C GLU A 212 -20.66 -2.47 -29.43
N ALA A 213 -20.22 -3.45 -28.64
CA ALA A 213 -18.91 -3.41 -27.97
C ALA A 213 -17.72 -3.14 -28.89
N GLU A 214 -17.79 -3.69 -30.12
CA GLU A 214 -16.74 -3.54 -31.15
C GLU A 214 -16.52 -2.07 -31.56
N GLN A 215 -17.58 -1.30 -31.51
CA GLN A 215 -17.58 0.04 -32.07
C GLN A 215 -16.82 0.91 -31.12
N ALA A 216 -16.34 2.04 -31.62
CA ALA A 216 -15.64 3.00 -30.76
C ALA A 216 -16.61 3.57 -29.75
N LEU A 217 -16.17 3.55 -28.51
CA LEU A 217 -17.01 3.92 -27.41
C LEU A 217 -16.92 5.42 -27.13
N PRO A 218 -18.09 6.10 -27.00
CA PRO A 218 -18.14 7.55 -26.77
C PRO A 218 -17.72 7.93 -25.36
N VAL A 219 -16.48 7.59 -25.05
CA VAL A 219 -15.90 7.77 -23.73
C VAL A 219 -14.53 8.33 -24.02
N TYR A 220 -14.23 9.51 -23.53
CA TYR A 220 -12.92 10.06 -23.84
C TYR A 220 -12.13 10.28 -22.55
N LEU A 221 -11.08 9.47 -22.39
CA LEU A 221 -10.27 9.43 -21.18
C LEU A 221 -8.83 9.86 -21.46
N MET B 7 -25.96 4.95 24.20
CA MET B 7 -24.55 4.70 24.61
C MET B 7 -23.80 4.06 23.45
N SER B 8 -22.73 4.70 23.03
CA SER B 8 -21.85 4.10 22.04
C SER B 8 -20.44 4.17 22.58
N THR B 9 -19.74 3.04 22.53
CA THR B 9 -18.35 2.99 22.97
C THR B 9 -17.48 2.78 21.74
N LEU B 10 -16.44 3.59 21.61
CA LEU B 10 -15.64 3.53 20.42
C LEU B 10 -14.19 3.41 20.77
N LEU B 11 -13.56 2.43 20.17
CA LEU B 11 -12.13 2.26 20.30
C LEU B 11 -11.49 2.82 19.03
N ALA B 12 -10.36 3.48 19.17
CA ALA B 12 -9.72 4.10 18.00
C ALA B 12 -8.24 3.82 18.00
N LEU B 13 -7.70 3.35 16.87
CA LEU B 13 -6.25 3.06 16.73
C LEU B 13 -5.62 3.84 15.60
N ASP B 14 -4.42 4.38 15.80
CA ASP B 14 -3.67 5.00 14.70
C ASP B 14 -2.17 4.72 14.74
N THR B 15 -1.63 4.28 13.61
CA THR B 15 -0.20 4.03 13.45
C THR B 15 0.29 4.41 12.04
N SER B 16 -0.37 5.37 11.42
CA SER B 16 -0.08 5.77 10.06
C SER B 16 1.25 6.50 9.89
N THR B 17 1.76 7.06 10.96
CA THR B 17 3.00 7.84 10.92
C THR B 17 3.81 7.41 12.14
N GLU B 18 4.93 8.08 12.39
CA GLU B 18 5.76 7.74 13.57
C GLU B 18 5.00 7.82 14.91
N ALA B 19 3.86 8.51 14.95
CA ALA B 19 2.98 8.48 16.12
C ALA B 19 2.19 7.15 16.24
N CYS B 20 2.12 6.64 17.46
CA CYS B 20 1.31 5.47 17.77
C CYS B 20 0.38 5.86 18.91
N SER B 21 -0.91 5.85 18.64
CA SER B 21 -1.91 6.34 19.58
C SER B 21 -3.15 5.48 19.55
N VAL B 22 -3.81 5.41 20.70
CA VAL B 22 -5.04 4.71 20.86
C VAL B 22 -5.94 5.65 21.64
N ALA B 23 -7.24 5.44 21.56
CA ALA B 23 -8.19 6.25 22.30
C ALA B 23 -9.53 5.55 22.42
N LEU B 24 -10.23 5.87 23.50
CA LEU B 24 -11.47 5.21 23.82
C LEU B 24 -12.56 6.23 24.13
N LEU B 25 -13.78 5.92 23.69
CA LEU B 25 -14.97 6.72 24.01
C LEU B 25 -15.96 5.81 24.65
N HIS B 26 -16.20 6.02 25.95
CA HIS B 26 -17.12 5.22 26.76
C HIS B 26 -17.90 6.12 27.72
N GLU B 27 -19.22 5.94 27.80
CA GLU B 27 -20.12 6.73 28.68
C GLU B 27 -19.84 8.25 28.63
N GLY B 28 -19.67 8.76 27.41
CA GLY B 28 -19.43 10.18 27.15
C GLY B 28 -18.06 10.68 27.58
N ARG B 29 -17.15 9.74 27.89
CA ARG B 29 -15.77 10.05 28.30
C ARG B 29 -14.77 9.68 27.20
N ALA B 30 -13.69 10.46 27.08
CA ALA B 30 -12.67 10.24 26.06
C ALA B 30 -11.27 10.19 26.68
N LEU B 31 -10.65 9.03 26.56
CA LEU B 31 -9.32 8.81 27.06
C LEU B 31 -8.39 8.54 25.86
N SER B 32 -7.11 8.83 26.00
CA SER B 32 -6.18 8.61 24.90
C SER B 32 -4.73 8.58 25.35
N HIS B 33 -3.95 7.66 24.76
CA HIS B 33 -2.48 7.61 24.91
C HIS B 33 -1.83 7.89 23.57
N TYR B 34 -0.60 8.39 23.63
CA TYR B 34 0.11 8.88 22.45
C TYR B 34 1.61 8.80 22.74
N GLU B 35 2.36 8.18 21.83
CA GLU B 35 3.79 7.96 22.00
C GLU B 35 4.44 8.06 20.62
N VAL B 36 5.55 8.77 20.53
CA VAL B 36 6.24 8.92 19.26
C VAL B 36 7.54 8.12 19.27
N ILE B 37 7.53 6.97 18.56
CA ILE B 37 8.75 6.15 18.38
C ILE B 37 8.82 5.52 16.97
N LEU B 40 8.65 0.81 14.93
CA LEU B 40 8.11 -0.53 15.05
C LEU B 40 6.85 -0.59 15.96
N HIS B 41 5.70 -0.34 15.32
CA HIS B 41 4.40 -0.33 16.00
C HIS B 41 3.89 -1.71 16.38
N ALA B 42 4.19 -2.69 15.54
CA ALA B 42 3.81 -4.06 15.80
C ALA B 42 4.17 -4.48 17.22
N GLN B 43 5.24 -3.95 17.77
CA GLN B 43 5.57 -4.18 19.18
C GLN B 43 4.63 -3.42 20.14
N ARG B 44 4.22 -2.22 19.75
CA ARG B 44 3.66 -1.27 20.71
C ARG B 44 2.11 -1.10 20.75
N LEU B 45 1.45 -1.27 19.62
CA LEU B 45 0.04 -0.86 19.50
C LEU B 45 -0.87 -1.60 20.44
N LEU B 46 -0.71 -2.91 20.52
CA LEU B 46 -1.63 -3.75 21.31
C LEU B 46 -1.43 -3.59 22.81
N PRO B 47 -0.16 -3.59 23.26
CA PRO B 47 0.08 -3.22 24.63
C PRO B 47 -0.57 -1.88 25.00
N MET B 48 -0.47 -0.89 24.12
CA MET B 48 -1.12 0.41 24.38
C MET B 48 -2.63 0.29 24.53
N VAL B 49 -3.23 -0.55 23.69
CA VAL B 49 -4.67 -0.80 23.74
C VAL B 49 -5.07 -1.42 25.07
N ARG B 50 -4.23 -2.34 25.55
CA ARG B 50 -4.45 -3.02 26.82
C ARG B 50 -4.46 -2.02 27.97
N ASP B 51 -3.34 -1.29 28.08
CA ASP B 51 -3.12 -0.30 29.16
C ASP B 51 -4.23 0.72 29.22
N LEU B 52 -4.77 1.05 28.06
CA LEU B 52 -5.82 2.04 27.96
C LEU B 52 -7.14 1.51 28.48
N LEU B 53 -7.48 0.28 28.16
CA LEU B 53 -8.77 -0.27 28.57
C LEU B 53 -8.72 -0.46 30.08
N ASP B 54 -7.53 -0.85 30.56
CA ASP B 54 -7.25 -0.98 31.99
C ASP B 54 -7.45 0.35 32.73
N GLU B 55 -6.73 1.39 32.28
CA GLU B 55 -6.83 2.76 32.84
C GLU B 55 -8.26 3.29 32.92
N ALA B 56 -9.11 2.89 31.97
CA ALA B 56 -10.53 3.27 31.97
C ALA B 56 -11.40 2.18 32.62
N GLY B 57 -10.77 1.05 32.93
CA GLY B 57 -11.46 -0.06 33.56
C GLY B 57 -12.65 -0.52 32.74
N VAL B 58 -12.43 -0.67 31.44
CA VAL B 58 -13.48 -1.11 30.51
C VAL B 58 -13.06 -2.42 29.86
N ALA B 59 -14.04 -3.23 29.48
CA ALA B 59 -13.78 -4.49 28.79
C ALA B 59 -14.06 -4.39 27.29
N LEU B 60 -13.22 -5.07 26.52
CA LEU B 60 -13.29 -5.11 25.07
C LEU B 60 -14.65 -5.56 24.51
N SER B 61 -15.38 -6.29 25.32
CA SER B 61 -16.70 -6.78 24.95
C SER B 61 -17.73 -5.66 24.80
N ALA B 62 -17.48 -4.57 25.54
CA ALA B 62 -18.36 -3.41 25.57
C ALA B 62 -18.34 -2.60 24.28
N VAL B 63 -17.19 -2.63 23.60
CA VAL B 63 -16.91 -1.83 22.42
C VAL B 63 -17.89 -2.14 21.29
N ASP B 64 -18.42 -1.08 20.67
CA ASP B 64 -19.44 -1.18 19.63
C ASP B 64 -18.88 -1.02 18.20
N ALA B 65 -17.81 -0.25 18.07
CA ALA B 65 -17.14 -0.09 16.79
C ALA B 65 -15.68 0.26 17.00
N ILE B 66 -14.87 -0.11 16.02
CA ILE B 66 -13.46 0.19 16.05
C ILE B 66 -13.11 1.09 14.87
N ALA B 67 -12.56 2.25 15.19
CA ALA B 67 -12.16 3.24 14.22
C ALA B 67 -10.66 3.21 14.05
N PHE B 68 -10.22 3.55 12.85
CA PHE B 68 -8.81 3.49 12.51
C PHE B 68 -8.44 4.52 11.47
N GLY B 69 -7.18 4.87 11.45
CA GLY B 69 -6.62 5.66 10.40
C GLY B 69 -6.36 4.73 9.24
N ARG B 70 -7.00 5.04 8.11
CA ARG B 70 -6.88 4.29 6.88
C ARG B 70 -5.75 4.78 5.97
N GLY B 71 -4.90 5.66 6.49
CA GLY B 71 -3.88 6.32 5.67
C GLY B 71 -4.50 7.60 5.15
N PRO B 72 -3.78 8.37 4.32
CA PRO B 72 -2.46 8.03 3.84
C PRO B 72 -1.37 8.18 4.88
N GLY B 73 -0.23 7.54 4.63
CA GLY B 73 0.92 7.61 5.49
C GLY B 73 1.90 6.49 5.15
N ALA B 74 2.66 6.06 6.16
CA ALA B 74 3.60 4.96 6.02
C ALA B 74 2.92 3.67 5.54
N PHE B 75 3.43 3.12 4.46
CA PHE B 75 2.82 1.97 3.81
C PHE B 75 2.63 0.80 4.78
N THR B 76 3.65 0.50 5.56
CA THR B 76 3.57 -0.66 6.43
C THR B 76 2.86 -0.30 7.73
N GLY B 77 3.17 0.86 8.29
CA GLY B 77 2.48 1.34 9.50
C GLY B 77 0.95 1.37 9.40
N VAL B 78 0.42 1.82 8.27
CA VAL B 78 -1.02 1.84 8.07
C VAL B 78 -1.53 0.40 8.12
N ARG B 79 -0.80 -0.47 7.46
CA ARG B 79 -1.20 -1.87 7.34
C ARG B 79 -1.17 -2.65 8.64
N ILE B 80 -0.30 -2.24 9.57
CA ILE B 80 -0.25 -2.85 10.90
C ILE B 80 -1.51 -2.55 11.69
N ALA B 81 -1.93 -1.30 11.64
CA ALA B 81 -3.19 -0.91 12.24
C ALA B 81 -4.38 -1.59 11.59
N ILE B 82 -4.36 -1.67 10.28
CA ILE B 82 -5.48 -2.29 9.58
C ILE B 82 -5.58 -3.75 9.99
N GLY B 83 -4.45 -4.42 10.11
CA GLY B 83 -4.44 -5.81 10.47
C GLY B 83 -4.95 -6.07 11.88
N VAL B 84 -4.48 -5.29 12.85
CA VAL B 84 -4.98 -5.45 14.23
C VAL B 84 -6.48 -5.15 14.30
N VAL B 85 -6.91 -4.07 13.65
CA VAL B 85 -8.32 -3.69 13.66
C VAL B 85 -9.20 -4.76 13.05
N GLN B 86 -8.77 -5.29 11.90
CA GLN B 86 -9.47 -6.40 11.25
C GLN B 86 -9.65 -7.59 12.21
N GLY B 87 -8.57 -7.95 12.85
CA GLY B 87 -8.54 -9.04 13.82
C GLY B 87 -9.40 -8.81 15.04
N LEU B 88 -9.28 -7.65 15.68
CA LEU B 88 -10.15 -7.31 16.81
C LEU B 88 -11.60 -7.39 16.35
N ALA B 89 -11.90 -6.68 15.27
CA ALA B 89 -13.28 -6.53 14.79
C ALA B 89 -13.95 -7.84 14.39
N PHE B 90 -13.20 -8.76 13.83
CA PHE B 90 -13.76 -10.01 13.37
C PHE B 90 -14.07 -10.89 14.58
N ALA B 91 -13.10 -11.12 15.42
CA ALA B 91 -13.34 -11.89 16.64
C ALA B 91 -14.47 -11.28 17.48
N LEU B 92 -14.51 -9.96 17.62
CA LEU B 92 -15.55 -9.30 18.43
C LEU B 92 -16.91 -9.20 17.73
N GLN B 93 -16.97 -9.52 16.44
CA GLN B 93 -18.14 -9.21 15.62
C GLN B 93 -18.59 -7.72 15.78
N ARG B 94 -17.70 -6.78 15.50
CA ARG B 94 -18.03 -5.35 15.58
C ARG B 94 -17.72 -4.67 14.24
N PRO B 95 -18.39 -3.55 13.94
CA PRO B 95 -18.07 -2.86 12.70
C PRO B 95 -16.89 -1.91 12.85
N VAL B 96 -16.32 -1.56 11.71
CA VAL B 96 -15.18 -0.67 11.67
C VAL B 96 -15.50 0.64 10.97
N LEU B 97 -14.77 1.66 11.40
CA LEU B 97 -14.92 3.03 10.96
C LEU B 97 -13.61 3.58 10.35
N ALA B 98 -13.52 3.59 9.03
CA ALA B 98 -12.36 4.12 8.32
C ALA B 98 -12.35 5.65 8.30
N VAL B 99 -11.27 6.24 8.79
CA VAL B 99 -11.10 7.66 8.78
C VAL B 99 -9.74 8.04 8.19
N SER B 100 -9.74 9.06 7.34
CA SER B 100 -8.54 9.58 6.75
C SER B 100 -7.64 10.21 7.75
N ASP B 101 -6.34 9.98 7.57
CA ASP B 101 -5.31 10.61 8.40
C ASP B 101 -5.09 12.08 8.10
N LEU B 102 -5.47 12.51 6.92
CA LEU B 102 -5.44 13.91 6.62
C LEU B 102 -6.57 14.56 7.41
N ALA B 103 -7.73 13.91 7.46
CA ALA B 103 -8.85 14.46 8.24
C ALA B 103 -8.49 14.59 9.72
N ILE B 104 -7.83 13.56 10.25
CA ILE B 104 -7.44 13.56 11.67
C ILE B 104 -6.51 14.74 11.98
N LEU B 105 -5.65 15.10 11.03
CA LEU B 105 -4.73 16.23 11.22
C LEU B 105 -5.53 17.49 11.29
N ALA B 106 -6.49 17.59 10.39
CA ALA B 106 -7.33 18.75 10.30
C ALA B 106 -8.10 18.90 11.59
N GLN B 107 -8.62 17.78 12.10
CA GLN B 107 -9.42 17.81 13.31
C GLN B 107 -8.54 18.15 14.51
N ARG B 108 -7.33 17.64 14.53
CA ARG B 108 -6.39 17.99 15.59
C ARG B 108 -6.08 19.48 15.55
N ALA B 109 -5.84 20.02 14.37
CA ALA B 109 -5.43 21.42 14.21
C ALA B 109 -6.51 22.37 14.64
N TYR B 110 -7.74 21.90 14.54
CA TYR B 110 -8.91 22.66 14.93
C TYR B 110 -9.03 22.65 16.46
N ARG B 111 -8.86 21.48 17.05
CA ARG B 111 -8.87 21.32 18.49
C ARG B 111 -7.75 22.12 19.11
N GLU B 112 -6.55 21.98 18.57
CA GLU B 112 -5.35 22.58 19.14
C GLU B 112 -5.07 24.04 18.77
N GLN B 113 -5.66 24.56 17.71
CA GLN B 113 -5.41 25.94 17.30
C GLN B 113 -6.63 26.70 16.72
N GLY B 114 -7.82 26.13 16.85
CA GLY B 114 -9.04 26.78 16.39
C GLY B 114 -9.19 26.97 14.88
N ALA B 115 -8.33 26.33 14.09
CA ALA B 115 -8.40 26.49 12.64
C ALA B 115 -9.62 25.77 12.06
N GLU B 116 -10.41 26.53 11.31
CA GLU B 116 -11.63 26.03 10.68
C GLU B 116 -11.41 25.70 9.21
N ARG B 117 -10.30 26.14 8.67
CA ARG B 117 -9.90 25.73 7.36
C ARG B 117 -8.48 25.22 7.39
N VAL B 118 -8.31 23.93 7.13
CA VAL B 118 -7.02 23.28 7.23
C VAL B 118 -6.61 22.54 5.96
N ALA B 119 -5.46 22.90 5.42
CA ALA B 119 -4.81 22.18 4.36
C ALA B 119 -3.82 21.17 4.98
N ALA B 120 -4.21 19.90 5.07
CA ALA B 120 -3.38 18.87 5.70
C ALA B 120 -2.46 18.30 4.68
N ALA B 121 -1.19 18.20 5.04
CA ALA B 121 -0.22 17.61 4.16
C ALA B 121 0.69 16.69 4.95
N ILE B 122 0.81 15.45 4.47
CA ILE B 122 1.68 14.45 5.08
C ILE B 122 2.74 14.10 4.06
N ASP B 123 3.98 14.07 4.51
CA ASP B 123 5.07 13.77 3.62
C ASP B 123 4.94 12.36 3.11
N ALA B 124 5.06 12.20 1.80
CA ALA B 124 4.91 10.92 1.14
C ALA B 124 6.25 10.53 0.55
N ARG B 125 6.37 9.27 0.13
CA ARG B 125 7.58 8.77 -0.54
C ARG B 125 7.78 9.44 -1.92
N MET B 126 9.02 9.41 -2.38
CA MET B 126 9.38 9.87 -3.74
C MET B 126 9.07 11.35 -4.06
N ASP B 127 9.38 12.22 -3.11
CA ASP B 127 9.32 13.68 -3.35
C ASP B 127 7.89 14.19 -3.65
N GLU B 128 6.92 13.58 -3.01
CA GLU B 128 5.55 14.02 -3.07
C GLU B 128 4.99 14.20 -1.69
N VAL B 129 3.81 14.82 -1.64
CA VAL B 129 3.03 14.93 -0.43
C VAL B 129 1.63 14.37 -0.62
N TYR B 130 1.10 13.83 0.46
CA TYR B 130 -0.32 13.56 0.55
C TYR B 130 -0.98 14.87 0.93
N TRP B 131 -2.03 15.23 0.20
CA TRP B 131 -2.65 16.53 0.32
C TRP B 131 -4.15 16.40 0.43
N GLY B 132 -4.73 17.04 1.43
CA GLY B 132 -6.18 17.13 1.55
C GLY B 132 -6.61 18.38 2.30
N CYS B 133 -7.62 19.07 1.77
CA CYS B 133 -8.16 20.29 2.41
C CYS B 133 -9.51 20.06 3.08
N TYR B 134 -9.67 20.65 4.26
CA TYR B 134 -10.78 20.37 5.12
C TYR B 134 -11.32 21.66 5.72
N GLN B 135 -12.62 21.72 5.93
CA GLN B 135 -13.23 22.84 6.59
C GLN B 135 -14.34 22.44 7.53
N LEU B 136 -14.42 23.18 8.63
CA LEU B 136 -15.33 22.93 9.72
C LEU B 136 -16.76 23.03 9.25
N GLN B 137 -17.53 22.00 9.57
CA GLN B 137 -18.94 21.95 9.31
C GLN B 137 -19.62 21.21 10.44
N GLN B 138 -20.28 21.98 11.30
CA GLN B 138 -20.97 21.45 12.47
C GLN B 138 -20.03 20.73 13.40
N GLY B 139 -18.83 21.27 13.57
CA GLY B 139 -17.85 20.71 14.51
C GLY B 139 -16.99 19.56 13.98
N GLU B 140 -17.19 19.19 12.73
CA GLU B 140 -16.44 18.13 12.09
C GLU B 140 -15.66 18.72 10.93
N MET B 141 -14.37 18.41 10.85
CA MET B 141 -13.59 18.83 9.70
C MET B 141 -13.95 17.92 8.53
N ARG B 142 -14.50 18.50 7.46
CA ARG B 142 -14.99 17.72 6.34
C ARG B 142 -14.17 18.04 5.12
N LEU B 143 -13.96 17.02 4.29
CA LEU B 143 -13.10 17.14 3.14
C LEU B 143 -13.74 18.03 2.08
N ALA B 144 -12.97 18.95 1.55
CA ALA B 144 -13.41 19.84 0.49
C ALA B 144 -12.64 19.47 -0.76
N GLY B 145 -13.27 18.75 -1.68
CA GLY B 145 -12.56 18.24 -2.84
C GLY B 145 -12.12 16.79 -2.69
N SER B 146 -10.86 16.54 -3.01
CA SER B 146 -10.31 15.19 -2.99
C SER B 146 -8.96 15.17 -2.32
N GLU B 147 -8.56 13.99 -1.88
CA GLU B 147 -7.24 13.77 -1.33
C GLU B 147 -6.41 13.37 -2.49
N ALA B 148 -5.13 13.70 -2.43
CA ALA B 148 -4.25 13.42 -3.55
C ALA B 148 -2.85 13.22 -3.06
N VAL B 149 -2.03 12.67 -3.95
CA VAL B 149 -0.61 12.56 -3.72
C VAL B 149 0.04 13.33 -4.85
N LEU B 150 0.80 14.37 -4.49
CA LEU B 150 1.20 15.38 -5.45
C LEU B 150 2.58 15.85 -5.16
N PRO B 151 3.27 16.31 -6.20
CA PRO B 151 4.47 17.06 -5.92
C PRO B 151 4.02 18.38 -5.30
N PRO B 152 4.78 18.91 -4.31
CA PRO B 152 4.37 20.11 -3.58
C PRO B 152 4.16 21.32 -4.48
N GLU B 153 4.80 21.35 -5.63
CA GLU B 153 4.59 22.43 -6.58
C GLU B 153 3.16 22.48 -7.13
N ARG B 154 2.47 21.35 -7.15
CA ARG B 154 1.14 21.28 -7.79
C ARG B 154 -0.04 21.34 -6.83
N VAL B 155 0.23 21.81 -5.63
CA VAL B 155 -0.72 21.75 -4.52
C VAL B 155 -1.58 23.03 -4.55
N ALA B 156 -2.88 22.92 -4.26
CA ALA B 156 -3.84 24.03 -4.34
C ALA B 156 -4.99 23.96 -3.29
N VAL B 157 -5.38 25.09 -2.70
CA VAL B 157 -6.50 25.09 -1.76
C VAL B 157 -7.82 25.41 -2.49
N PRO B 158 -8.97 24.99 -1.92
CA PRO B 158 -10.26 25.23 -2.56
C PRO B 158 -10.93 26.55 -2.10
N TRP B 159 -10.23 27.31 -1.26
CA TRP B 159 -10.77 28.55 -0.71
C TRP B 159 -10.32 29.79 -1.47
N ASP B 160 -10.99 30.91 -1.22
CA ASP B 160 -10.60 32.19 -1.81
C ASP B 160 -9.32 32.68 -1.16
N ALA B 161 -8.55 33.49 -1.90
CA ALA B 161 -7.24 33.95 -1.45
C ALA B 161 -7.34 34.60 -0.06
N ALA B 162 -6.80 33.92 0.95
CA ALA B 162 -6.97 34.34 2.34
C ALA B 162 -8.22 35.25 2.42
N ALA B 164 -10.95 34.70 3.93
CA ALA B 164 -10.71 34.00 5.21
C ALA B 164 -9.38 33.26 5.28
N ASP B 165 -8.83 33.19 6.49
CA ASP B 165 -7.55 32.56 6.71
C ASP B 165 -7.70 31.06 6.82
N TRP B 166 -6.60 30.38 6.49
CA TRP B 166 -6.49 28.94 6.67
C TRP B 166 -5.16 28.62 7.31
N PHE B 167 -4.98 27.33 7.60
CA PHE B 167 -3.84 26.80 8.37
C PHE B 167 -3.22 25.59 7.65
N GLY B 168 -1.92 25.46 7.73
CA GLY B 168 -1.21 24.33 7.12
C GLY B 168 -0.90 23.39 8.24
N ALA B 169 -1.34 22.13 8.15
CA ALA B 169 -1.02 21.12 9.16
C ALA B 169 -0.38 19.86 8.57
N GLY B 170 0.72 19.41 9.18
CA GLY B 170 1.34 18.12 8.89
C GLY B 170 2.75 18.19 8.33
N THR B 171 3.42 17.04 8.27
CA THR B 171 4.84 17.02 7.93
C THR B 171 5.10 17.31 6.46
N GLY B 172 4.04 17.28 5.66
CA GLY B 172 4.13 17.71 4.26
C GLY B 172 4.51 19.18 4.15
N TRP B 173 4.28 19.95 5.22
CA TRP B 173 4.58 21.39 5.23
C TRP B 173 6.06 21.73 5.37
N GLY B 174 6.90 20.73 5.58
CA GLY B 174 8.34 20.92 5.43
C GLY B 174 8.74 21.28 4.00
N TYR B 175 7.79 21.16 3.07
CA TYR B 175 7.98 21.49 1.65
C TYR B 175 7.35 22.85 1.29
N VAL B 176 6.93 23.59 2.31
CA VAL B 176 6.24 24.85 2.10
C VAL B 176 6.87 25.76 1.04
N GLU B 177 8.20 25.84 1.01
CA GLU B 177 8.88 26.71 0.04
C GLU B 177 8.76 26.32 -1.42
N ARG B 178 8.39 25.07 -1.69
CA ARG B 178 8.19 24.65 -3.08
C ARG B 178 6.70 24.71 -3.48
N MET B 179 5.86 25.08 -2.54
CA MET B 179 4.41 25.16 -2.77
C MET B 179 3.98 26.52 -3.32
N PRO B 180 2.94 26.55 -4.18
CA PRO B 180 2.58 27.82 -4.83
C PRO B 180 1.99 28.86 -3.90
N GLN B 181 1.51 28.44 -2.74
CA GLN B 181 1.08 29.40 -1.71
C GLN B 181 1.32 28.81 -0.35
N ARG B 182 1.22 29.68 0.65
CA ARG B 182 1.37 29.24 2.02
C ARG B 182 0.45 30.02 2.95
N PRO B 183 0.01 29.38 4.04
CA PRO B 183 -0.91 30.06 4.95
C PRO B 183 -0.21 31.07 5.85
N VAL B 184 -0.97 31.79 6.65
CA VAL B 184 -0.33 32.68 7.62
C VAL B 184 0.30 31.87 8.74
N ALA B 185 -0.42 30.87 9.22
CA ALA B 185 0.05 30.00 10.29
C ALA B 185 0.11 28.56 9.79
N LEU B 186 1.13 27.83 10.24
CA LEU B 186 1.22 26.40 9.97
C LEU B 186 2.04 25.64 11.01
N ASP B 187 1.73 24.37 11.18
CA ASP B 187 2.50 23.51 12.05
C ASP B 187 2.92 22.27 11.27
N ALA B 188 4.15 22.28 10.75
CA ALA B 188 4.72 21.14 10.02
C ALA B 188 5.09 19.93 10.87
N SER B 189 4.67 19.91 12.12
CA SER B 189 5.05 18.82 13.03
C SER B 189 3.87 17.99 13.52
N LEU B 190 2.65 18.43 13.23
CA LEU B 190 1.49 17.68 13.64
C LEU B 190 1.45 16.33 12.97
N LEU B 191 0.93 15.39 13.74
CA LEU B 191 0.79 14.00 13.38
C LEU B 191 -0.63 13.56 13.75
N PRO B 192 -1.14 12.49 13.14
CA PRO B 192 -2.44 12.07 13.59
C PRO B 192 -2.41 11.68 15.07
N HIS B 193 -3.50 11.96 15.76
CA HIS B 193 -3.69 11.69 17.17
C HIS B 193 -5.05 11.01 17.30
N ALA B 194 -5.10 9.92 18.04
CA ALA B 194 -6.31 9.08 18.16
C ALA B 194 -7.51 9.78 18.82
N GLU B 195 -7.24 10.75 19.68
CA GLU B 195 -8.32 11.61 20.24
C GLU B 195 -9.15 12.32 19.16
N ASP B 196 -8.48 12.73 18.09
CA ASP B 196 -9.15 13.42 16.98
C ASP B 196 -9.80 12.40 16.06
N LEU B 197 -9.09 11.30 15.83
CA LEU B 197 -9.69 10.15 15.15
C LEU B 197 -11.01 9.78 15.79
N LEU B 198 -11.02 9.74 17.12
CA LEU B 198 -12.21 9.42 17.91
C LEU B 198 -13.34 10.45 17.74
N SER B 199 -13.01 11.75 17.75
CA SER B 199 -14.04 12.80 17.50
C SER B 199 -14.68 12.51 16.13
N LEU B 200 -13.83 12.35 15.11
CA LEU B 200 -14.31 12.05 13.75
C LEU B 200 -15.13 10.77 13.69
N ALA B 201 -14.67 9.75 14.39
CA ALA B 201 -15.37 8.48 14.46
C ALA B 201 -16.78 8.69 14.99
N GLY B 202 -16.87 9.51 16.03
CA GLY B 202 -18.16 9.90 16.59
C GLY B 202 -19.13 10.32 15.50
N PHE B 203 -18.70 11.24 14.63
CA PHE B 203 -19.57 11.69 13.55
C PHE B 203 -19.93 10.53 12.60
N ALA B 204 -18.94 9.78 12.14
CA ALA B 204 -19.21 8.71 11.18
C ALA B 204 -20.08 7.60 11.75
N TRP B 205 -19.96 7.33 13.04
CA TRP B 205 -20.80 6.32 13.70
C TRP B 205 -22.25 6.81 13.68
N ALA B 206 -22.45 8.09 14.01
CA ALA B 206 -23.78 8.73 14.02
C ALA B 206 -24.54 8.68 12.67
N ARG B 207 -23.81 8.71 11.57
CA ARG B 207 -24.40 8.54 10.23
C ARG B 207 -24.40 7.07 9.76
N GLY B 208 -24.19 6.13 10.67
CA GLY B 208 -24.10 4.70 10.31
C GLY B 208 -23.12 4.33 9.19
N GLU B 209 -21.88 4.86 9.26
CA GLU B 209 -20.86 4.60 8.22
C GLU B 209 -20.06 3.29 8.47
N GLY B 210 -20.34 2.62 9.58
CA GLY B 210 -19.60 1.41 9.94
C GLY B 210 -19.70 0.31 8.90
N VAL B 211 -18.61 -0.45 8.73
CA VAL B 211 -18.57 -1.58 7.79
C VAL B 211 -18.02 -2.88 8.41
N GLU B 212 -18.16 -4.00 7.71
CA GLU B 212 -17.66 -5.28 8.22
C GLU B 212 -16.14 -5.23 8.40
N ALA B 213 -15.65 -5.97 9.38
CA ALA B 213 -14.21 -6.09 9.64
C ALA B 213 -13.33 -6.35 8.39
N GLU B 214 -13.80 -7.24 7.51
CA GLU B 214 -13.10 -7.60 6.26
C GLU B 214 -12.80 -6.40 5.39
N GLN B 215 -13.65 -5.38 5.47
CA GLN B 215 -13.56 -4.17 4.62
C GLN B 215 -12.64 -3.07 5.20
N ALA B 216 -12.11 -3.27 6.40
CA ALA B 216 -11.13 -2.35 6.96
C ALA B 216 -9.85 -2.39 6.12
N LEU B 217 -9.71 -1.44 5.20
CA LEU B 217 -8.55 -1.46 4.31
C LEU B 217 -7.96 -0.08 4.07
N PRO B 218 -6.71 -0.05 3.59
CA PRO B 218 -6.07 1.25 3.38
C PRO B 218 -6.57 1.93 2.11
N VAL B 219 -6.35 3.24 2.00
CA VAL B 219 -6.66 3.93 0.74
C VAL B 219 -5.42 4.00 -0.09
N TYR B 220 -5.64 4.12 -1.41
CA TYR B 220 -4.57 4.42 -2.38
C TYR B 220 -4.99 5.67 -3.11
N LEU B 221 -4.06 6.62 -3.24
CA LEU B 221 -4.40 7.95 -3.75
C LEU B 221 -3.86 8.24 -5.17
N MET C 7 -8.32 -33.64 19.32
CA MET C 7 -8.60 -32.82 20.54
C MET C 7 -8.49 -31.32 20.22
N SER C 8 -7.27 -30.81 20.05
CA SER C 8 -7.00 -29.36 19.98
C SER C 8 -7.44 -28.73 18.67
N THR C 9 -8.03 -27.53 18.76
CA THR C 9 -8.44 -26.80 17.58
C THR C 9 -7.43 -25.68 17.36
N LEU C 10 -6.74 -25.74 16.22
CA LEU C 10 -5.71 -24.77 15.89
C LEU C 10 -5.99 -24.10 14.54
N LEU C 11 -5.69 -22.81 14.49
CA LEU C 11 -5.85 -21.99 13.32
C LEU C 11 -4.45 -21.55 12.88
N ALA C 12 -4.19 -21.62 11.59
CA ALA C 12 -2.90 -21.29 11.00
C ALA C 12 -3.10 -20.34 9.82
N LEU C 13 -2.35 -19.25 9.82
CA LEU C 13 -2.41 -18.19 8.80
C LEU C 13 -0.99 -17.89 8.26
N ASP C 14 -0.86 -17.79 6.95
CA ASP C 14 0.38 -17.35 6.39
C ASP C 14 0.21 -16.42 5.21
N THR C 15 0.88 -15.27 5.27
CA THR C 15 0.92 -14.33 4.13
C THR C 15 2.34 -13.78 3.83
N SER C 16 3.35 -14.59 4.10
CA SER C 16 4.73 -14.13 4.11
C SER C 16 5.31 -13.95 2.69
N THR C 17 4.71 -14.64 1.74
CA THR C 17 5.14 -14.57 0.37
C THR C 17 3.94 -14.29 -0.52
N GLU C 18 4.08 -14.62 -1.79
CA GLU C 18 3.01 -14.41 -2.77
C GLU C 18 1.77 -15.27 -2.38
N ALA C 19 2.00 -16.36 -1.65
CA ALA C 19 0.92 -17.25 -1.24
C ALA C 19 0.25 -16.74 0.02
N CYS C 20 -1.08 -16.71 -0.04
CA CYS C 20 -1.96 -16.44 1.08
C CYS C 20 -2.64 -17.73 1.37
N SER C 21 -2.48 -18.27 2.58
CA SER C 21 -3.11 -19.53 2.94
C SER C 21 -3.55 -19.53 4.39
N VAL C 22 -4.50 -20.42 4.70
CA VAL C 22 -5.08 -20.53 6.02
C VAL C 22 -5.43 -21.99 6.25
N ALA C 23 -5.34 -22.45 7.48
CA ALA C 23 -5.70 -23.86 7.75
C ALA C 23 -6.23 -24.04 9.14
N LEU C 24 -6.94 -25.14 9.32
CA LEU C 24 -7.63 -25.39 10.57
C LEU C 24 -7.44 -26.83 10.98
N LEU C 25 -6.96 -27.05 12.21
CA LEU C 25 -6.99 -28.37 12.80
C LEU C 25 -8.21 -28.45 13.73
N HIS C 26 -9.08 -29.40 13.46
CA HIS C 26 -10.27 -29.62 14.27
C HIS C 26 -10.68 -31.07 14.31
N GLU C 27 -10.63 -31.66 15.51
CA GLU C 27 -10.97 -33.09 15.74
C GLU C 27 -10.10 -34.03 14.89
N GLY C 28 -8.80 -33.78 14.89
CA GLY C 28 -7.87 -34.59 14.09
C GLY C 28 -7.92 -34.36 12.59
N ARG C 29 -8.91 -33.64 12.10
CA ARG C 29 -9.05 -33.34 10.68
C ARG C 29 -8.37 -31.99 10.37
N ALA C 30 -7.74 -31.89 9.20
CA ALA C 30 -7.06 -30.66 8.78
C ALA C 30 -7.67 -30.17 7.49
N LEU C 31 -7.98 -28.88 7.43
CA LEU C 31 -8.57 -28.27 6.26
C LEU C 31 -7.75 -27.06 5.83
N SER C 32 -7.64 -26.80 4.53
CA SER C 32 -6.82 -25.68 4.03
C SER C 32 -7.33 -24.98 2.81
N HIS C 33 -7.04 -23.69 2.75
CA HIS C 33 -7.28 -22.87 1.58
C HIS C 33 -5.98 -22.17 1.27
N TYR C 34 -5.65 -22.15 -0.02
CA TYR C 34 -4.36 -21.70 -0.53
C TYR C 34 -4.59 -21.08 -1.89
N GLU C 35 -4.12 -19.86 -2.03
CA GLU C 35 -4.29 -19.08 -3.22
C GLU C 35 -3.01 -18.30 -3.35
N VAL C 36 -2.58 -18.11 -4.59
CA VAL C 36 -1.47 -17.23 -4.85
C VAL C 36 -2.01 -15.99 -5.52
N ILE C 37 -1.68 -14.86 -4.93
CA ILE C 37 -2.08 -13.57 -5.45
C ILE C 37 -0.82 -12.77 -5.24
N PRO C 38 -0.73 -11.55 -5.80
CA PRO C 38 0.41 -10.81 -5.36
C PRO C 38 -0.04 -9.68 -4.46
N ARG C 39 0.35 -9.75 -3.20
CA ARG C 39 0.20 -8.61 -2.29
C ARG C 39 -1.15 -7.91 -2.29
N LEU C 40 -2.21 -8.71 -2.39
CA LEU C 40 -3.51 -8.21 -2.05
C LEU C 40 -3.91 -8.87 -0.75
N HIS C 41 -2.94 -9.17 0.10
CA HIS C 41 -3.18 -10.06 1.24
C HIS C 41 -4.17 -9.45 2.19
N ALA C 42 -4.02 -8.17 2.47
CA ALA C 42 -4.91 -7.51 3.40
C ALA C 42 -6.34 -7.65 2.92
N GLN C 43 -6.48 -7.72 1.60
CA GLN C 43 -7.76 -7.87 0.96
C GLN C 43 -8.34 -9.26 1.17
N ARG C 44 -7.49 -10.28 1.30
CA ARG C 44 -8.03 -11.64 1.27
C ARG C 44 -7.83 -12.56 2.47
N LEU C 45 -7.04 -12.16 3.45
CA LEU C 45 -6.76 -13.05 4.56
C LEU C 45 -7.99 -13.34 5.48
N LEU C 46 -8.72 -12.31 5.92
CA LEU C 46 -9.93 -12.54 6.76
C LEU C 46 -11.04 -13.30 6.05
N PRO C 47 -11.41 -12.88 4.83
CA PRO C 47 -12.41 -13.65 4.11
C PRO C 47 -12.10 -15.13 4.09
N MET C 48 -10.83 -15.45 3.87
CA MET C 48 -10.36 -16.85 3.89
C MET C 48 -10.56 -17.55 5.24
N VAL C 49 -10.24 -16.87 6.35
CA VAL C 49 -10.49 -17.43 7.68
C VAL C 49 -12.00 -17.70 7.83
N ARG C 50 -12.79 -16.69 7.48
CA ARG C 50 -14.21 -16.79 7.55
C ARG C 50 -14.71 -17.99 6.75
N ASP C 51 -14.28 -18.12 5.49
CA ASP C 51 -14.76 -19.23 4.63
C ASP C 51 -14.41 -20.59 5.21
N LEU C 52 -13.19 -20.70 5.72
CA LEU C 52 -12.68 -21.95 6.27
C LEU C 52 -13.47 -22.40 7.49
N LEU C 53 -13.59 -21.51 8.48
CA LEU C 53 -14.44 -21.73 9.64
C LEU C 53 -15.85 -22.11 9.21
N ASP C 54 -16.41 -21.34 8.27
CA ASP C 54 -17.78 -21.59 7.77
C ASP C 54 -17.93 -23.01 7.22
N GLU C 55 -17.02 -23.41 6.34
CA GLU C 55 -17.04 -24.72 5.71
C GLU C 55 -16.87 -25.85 6.73
N ALA C 56 -16.02 -25.63 7.74
CA ALA C 56 -15.73 -26.64 8.75
C ALA C 56 -16.84 -26.72 9.79
N GLY C 57 -17.62 -25.63 9.89
CA GLY C 57 -18.66 -25.47 10.89
C GLY C 57 -18.09 -25.21 12.27
N VAL C 58 -16.96 -24.54 12.32
CA VAL C 58 -16.26 -24.33 13.57
C VAL C 58 -16.41 -22.86 13.96
N ALA C 59 -16.71 -22.64 15.22
CA ALA C 59 -16.81 -21.32 15.74
C ALA C 59 -15.40 -20.86 16.01
N LEU C 60 -15.20 -19.56 15.89
CA LEU C 60 -13.95 -18.95 16.20
C LEU C 60 -13.61 -19.13 17.67
N SER C 61 -14.63 -19.04 18.52
CA SER C 61 -14.45 -19.27 19.94
C SER C 61 -13.88 -20.69 20.24
N ALA C 62 -14.11 -21.66 19.35
CA ALA C 62 -13.56 -23.03 19.50
C ALA C 62 -12.05 -23.14 19.34
N VAL C 63 -11.44 -22.12 18.76
CA VAL C 63 -10.00 -22.13 18.51
C VAL C 63 -9.20 -21.98 19.80
N ASP C 64 -8.27 -22.90 19.99
CA ASP C 64 -7.38 -22.90 21.14
C ASP C 64 -6.10 -22.10 20.97
N ALA C 65 -5.60 -22.01 19.74
CA ALA C 65 -4.37 -21.25 19.46
C ALA C 65 -4.27 -20.87 18.00
N ILE C 66 -3.63 -19.73 17.74
CA ILE C 66 -3.45 -19.29 16.35
C ILE C 66 -1.99 -19.32 15.99
N ALA C 67 -1.67 -20.12 14.99
CA ALA C 67 -0.32 -20.19 14.42
C ALA C 67 -0.19 -19.23 13.26
N PHE C 68 1.00 -18.65 13.13
CA PHE C 68 1.30 -17.74 12.05
C PHE C 68 2.72 -17.94 11.55
N GLY C 69 2.90 -17.68 10.26
CA GLY C 69 4.20 -17.58 9.66
C GLY C 69 4.86 -16.28 10.12
N ARG C 70 6.01 -16.38 10.75
CA ARG C 70 6.61 -15.25 11.35
C ARG C 70 7.61 -14.59 10.48
N GLY C 71 7.77 -15.11 9.29
CA GLY C 71 8.83 -14.67 8.37
C GLY C 71 9.99 -15.65 8.42
N PRO C 72 11.05 -15.39 7.68
CA PRO C 72 11.18 -14.22 6.80
C PRO C 72 10.41 -14.33 5.47
N GLY C 73 10.38 -13.21 4.75
CA GLY C 73 9.60 -13.05 3.52
C GLY C 73 9.35 -11.57 3.31
N ALA C 74 8.27 -11.25 2.61
CA ALA C 74 7.90 -9.86 2.36
C ALA C 74 7.66 -9.07 3.65
N PHE C 75 8.26 -7.88 3.72
CA PHE C 75 8.15 -7.02 4.90
C PHE C 75 6.69 -6.67 5.27
N THR C 76 5.91 -6.26 4.28
CA THR C 76 4.53 -5.88 4.54
C THR C 76 3.68 -7.14 4.66
N GLY C 77 3.89 -8.10 3.76
CA GLY C 77 3.20 -9.38 3.84
C GLY C 77 3.21 -10.02 5.23
N VAL C 78 4.42 -10.21 5.76
CA VAL C 78 4.57 -10.86 7.04
C VAL C 78 3.76 -10.10 8.06
N ARG C 79 3.89 -8.78 8.03
CA ARG C 79 3.30 -7.92 9.04
C ARG C 79 1.76 -7.87 8.98
N ILE C 80 1.19 -8.20 7.84
CA ILE C 80 -0.26 -8.28 7.73
C ILE C 80 -0.79 -9.48 8.51
N ALA C 81 -0.21 -10.64 8.26
CA ALA C 81 -0.45 -11.80 9.09
C ALA C 81 -0.33 -11.48 10.59
N ILE C 82 0.73 -10.78 10.95
CA ILE C 82 1.02 -10.49 12.36
C ILE C 82 -0.14 -9.70 12.96
N GLY C 83 -0.53 -8.64 12.27
CA GLY C 83 -1.61 -7.79 12.72
C GLY C 83 -2.88 -8.58 12.91
N VAL C 84 -3.34 -9.26 11.88
CA VAL C 84 -4.59 -9.99 11.96
C VAL C 84 -4.56 -10.94 13.16
N VAL C 85 -3.48 -11.68 13.27
CA VAL C 85 -3.32 -12.68 14.34
C VAL C 85 -3.34 -12.06 15.73
N GLN C 86 -2.56 -10.98 15.89
CA GLN C 86 -2.56 -10.17 17.10
C GLN C 86 -3.97 -9.78 17.50
N GLY C 87 -4.70 -9.24 16.54
CA GLY C 87 -6.07 -8.80 16.77
C GLY C 87 -6.96 -9.92 17.20
N LEU C 88 -6.90 -11.03 16.47
CA LEU C 88 -7.76 -12.17 16.73
C LEU C 88 -7.47 -12.77 18.13
N ALA C 89 -6.21 -13.05 18.40
CA ALA C 89 -5.81 -13.70 19.65
C ALA C 89 -6.02 -12.83 20.92
N PHE C 90 -5.79 -11.54 20.79
CA PHE C 90 -6.05 -10.60 21.89
C PHE C 90 -7.54 -10.56 22.20
N ALA C 91 -8.37 -10.47 21.16
CA ALA C 91 -9.83 -10.37 21.36
C ALA C 91 -10.40 -11.66 21.94
N LEU C 92 -10.00 -12.80 21.36
CA LEU C 92 -10.34 -14.10 21.90
C LEU C 92 -9.70 -14.42 23.26
N GLN C 93 -8.53 -13.84 23.53
CA GLN C 93 -7.68 -14.16 24.70
C GLN C 93 -7.11 -15.57 24.64
N ARG C 94 -6.46 -15.84 23.52
CA ARG C 94 -5.84 -17.11 23.25
C ARG C 94 -4.38 -16.93 22.84
N PRO C 95 -3.58 -18.01 22.97
CA PRO C 95 -2.18 -17.91 22.67
C PRO C 95 -1.89 -18.05 21.20
N VAL C 96 -0.72 -17.57 20.81
CA VAL C 96 -0.27 -17.68 19.43
C VAL C 96 1.01 -18.50 19.34
N LEU C 97 1.26 -19.08 18.18
CA LEU C 97 2.47 -19.84 17.94
C LEU C 97 3.23 -19.36 16.71
N ALA C 98 4.40 -18.80 16.94
CA ALA C 98 5.24 -18.27 15.88
C ALA C 98 6.06 -19.40 15.28
N VAL C 99 6.07 -19.48 13.96
CA VAL C 99 6.75 -20.54 13.26
C VAL C 99 7.40 -19.93 12.06
N SER C 100 8.62 -20.38 11.74
CA SER C 100 9.38 -19.83 10.62
C SER C 100 8.84 -20.26 9.29
N ASP C 101 8.89 -19.36 8.33
CA ASP C 101 8.47 -19.67 6.95
C ASP C 101 9.44 -20.59 6.26
N LEU C 102 10.70 -20.56 6.68
CA LEU C 102 11.70 -21.50 6.16
C LEU C 102 11.35 -22.90 6.68
N ALA C 103 10.98 -22.97 7.96
CA ALA C 103 10.52 -24.25 8.50
C ALA C 103 9.30 -24.76 7.72
N ILE C 104 8.35 -23.88 7.43
CA ILE C 104 7.14 -24.29 6.73
C ILE C 104 7.54 -24.86 5.38
N LEU C 105 8.42 -24.16 4.69
CA LEU C 105 8.95 -24.70 3.43
C LEU C 105 9.50 -26.09 3.61
N ALA C 106 10.32 -26.27 4.62
CA ALA C 106 10.98 -27.53 4.85
C ALA C 106 9.97 -28.64 5.05
N GLN C 107 8.98 -28.39 5.90
CA GLN C 107 7.95 -29.39 6.24
C GLN C 107 7.06 -29.73 5.04
N ARG C 108 6.89 -28.78 4.11
CA ARG C 108 6.07 -29.00 2.92
C ARG C 108 6.83 -29.90 1.97
N ALA C 109 8.08 -29.57 1.71
CA ALA C 109 8.96 -30.43 0.90
C ALA C 109 8.99 -31.88 1.42
N TYR C 110 8.89 -32.03 2.74
CA TYR C 110 8.76 -33.34 3.34
C TYR C 110 7.40 -34.01 3.07
N ARG C 111 6.33 -33.23 3.05
CA ARG C 111 5.00 -33.78 2.79
C ARG C 111 4.86 -34.14 1.31
N GLU C 112 5.22 -33.21 0.44
CA GLU C 112 5.02 -33.38 -1.01
C GLU C 112 6.07 -34.29 -1.66
N GLN C 113 7.34 -34.12 -1.34
CA GLN C 113 8.41 -34.84 -2.03
C GLN C 113 9.15 -35.87 -1.15
N GLY C 114 8.80 -35.97 0.12
CA GLY C 114 9.42 -36.97 1.01
C GLY C 114 10.85 -36.69 1.44
N ALA C 115 11.30 -35.46 1.25
CA ALA C 115 12.66 -35.07 1.65
C ALA C 115 12.77 -34.95 3.17
N GLU C 116 13.87 -35.43 3.72
CA GLU C 116 14.09 -35.46 5.16
C GLU C 116 15.21 -34.52 5.58
N ARG C 117 15.69 -33.76 4.61
CA ARG C 117 16.87 -32.97 4.79
C ARG C 117 16.71 -31.83 3.80
N VAL C 118 16.23 -30.67 4.27
CA VAL C 118 15.87 -29.60 3.33
C VAL C 118 16.64 -28.30 3.58
N ALA C 119 17.09 -27.68 2.52
CA ALA C 119 17.67 -26.38 2.63
C ALA C 119 16.69 -25.39 2.03
N ALA C 120 16.01 -24.69 2.93
CA ALA C 120 14.93 -23.82 2.57
C ALA C 120 15.53 -22.51 2.23
N ALA C 121 15.13 -21.94 1.08
CA ALA C 121 15.61 -20.62 0.68
C ALA C 121 14.51 -19.78 0.03
N ILE C 122 14.41 -18.52 0.45
CA ILE C 122 13.37 -17.62 0.03
C ILE C 122 14.05 -16.39 -0.57
N ASP C 123 13.57 -15.93 -1.71
CA ASP C 123 14.09 -14.70 -2.30
C ASP C 123 13.89 -13.52 -1.38
N ALA C 124 14.85 -12.64 -1.38
CA ALA C 124 14.80 -11.51 -0.51
C ALA C 124 15.23 -10.29 -1.27
N ARG C 125 15.01 -9.16 -0.61
CA ARG C 125 15.32 -7.86 -1.14
C ARG C 125 16.82 -7.66 -1.21
N MET C 126 17.23 -6.73 -2.09
CA MET C 126 18.62 -6.29 -2.17
C MET C 126 19.54 -7.45 -2.51
N ASP C 127 19.06 -8.36 -3.34
CA ASP C 127 19.89 -9.39 -3.92
C ASP C 127 20.51 -10.36 -2.89
N GLU C 128 19.81 -10.59 -1.81
CA GLU C 128 20.16 -11.64 -0.89
C GLU C 128 19.06 -12.70 -0.95
N VAL C 129 19.21 -13.77 -0.18
CA VAL C 129 18.15 -14.73 0.03
C VAL C 129 18.11 -15.08 1.50
N TYR C 130 16.94 -15.51 1.97
CA TYR C 130 16.80 -16.03 3.32
C TYR C 130 17.08 -17.52 3.23
N TRP C 131 17.68 -18.08 4.28
CA TRP C 131 18.29 -19.40 4.22
C TRP C 131 18.23 -20.05 5.60
N GLY C 132 17.77 -21.28 5.63
CA GLY C 132 17.74 -22.04 6.87
C GLY C 132 17.64 -23.50 6.46
N CYS C 133 18.43 -24.36 7.09
CA CYS C 133 18.45 -25.77 6.74
C CYS C 133 17.80 -26.59 7.86
N TYR C 134 17.03 -27.60 7.43
CA TYR C 134 16.11 -28.33 8.30
C TYR C 134 16.29 -29.81 8.08
N GLN C 135 16.10 -30.55 9.18
CA GLN C 135 16.34 -31.96 9.23
C GLN C 135 15.18 -32.61 10.00
N LEU C 136 14.52 -33.61 9.39
CA LEU C 136 13.43 -34.37 10.03
C LEU C 136 13.83 -35.02 11.37
N GLN C 137 13.01 -34.79 12.40
CA GLN C 137 13.15 -35.41 13.71
C GLN C 137 11.79 -35.75 14.32
N GLN C 138 11.46 -37.03 14.36
CA GLN C 138 10.21 -37.51 14.97
C GLN C 138 8.98 -36.81 14.38
N GLY C 139 8.99 -36.65 13.06
CA GLY C 139 7.85 -36.11 12.32
C GLY C 139 7.97 -34.64 11.96
N GLU C 140 8.85 -33.93 12.67
CA GLU C 140 8.96 -32.48 12.57
C GLU C 140 10.28 -32.05 11.94
N MET C 141 10.22 -31.23 10.90
CA MET C 141 11.43 -30.61 10.39
C MET C 141 11.94 -29.58 11.39
N ARG C 142 13.13 -29.83 11.94
CA ARG C 142 13.74 -29.00 12.99
C ARG C 142 14.97 -28.31 12.43
N LEU C 143 15.23 -27.10 12.89
CA LEU C 143 16.28 -26.27 12.33
C LEU C 143 17.66 -26.78 12.73
N ALA C 144 18.61 -26.74 11.78
CA ALA C 144 19.99 -27.20 11.98
C ALA C 144 20.92 -26.03 11.78
N GLY C 145 21.43 -25.52 12.89
CA GLY C 145 22.20 -24.29 12.86
C GLY C 145 21.30 -23.09 13.04
N SER C 146 21.43 -22.13 12.13
CA SER C 146 20.73 -20.84 12.28
C SER C 146 20.13 -20.39 10.96
N GLU C 147 19.20 -19.46 11.04
CA GLU C 147 18.63 -18.85 9.83
C GLU C 147 19.36 -17.56 9.54
N ALA C 148 19.45 -17.22 8.27
CA ALA C 148 20.15 -16.01 7.93
C ALA C 148 19.66 -15.45 6.61
N VAL C 149 19.95 -14.16 6.43
CA VAL C 149 19.87 -13.51 5.14
C VAL C 149 21.32 -13.36 4.56
N LEU C 150 21.59 -14.06 3.46
CA LEU C 150 22.94 -14.14 2.86
C LEU C 150 22.90 -13.92 1.34
N PRO C 151 23.97 -13.34 0.76
CA PRO C 151 24.04 -13.37 -0.69
C PRO C 151 24.14 -14.84 -1.10
N PRO C 152 23.54 -15.23 -2.26
CA PRO C 152 23.47 -16.65 -2.60
C PRO C 152 24.85 -17.33 -2.72
N GLU C 153 25.89 -16.54 -2.93
CA GLU C 153 27.26 -17.02 -2.98
C GLU C 153 27.74 -17.57 -1.64
N ARG C 154 27.37 -16.92 -0.54
CA ARG C 154 27.88 -17.30 0.82
C ARG C 154 27.09 -18.40 1.52
N VAL C 155 26.20 -19.05 0.80
CA VAL C 155 25.29 -20.04 1.36
C VAL C 155 25.97 -21.40 1.59
N ALA C 156 25.56 -22.13 2.63
CA ALA C 156 26.19 -23.42 3.01
C ALA C 156 25.33 -24.34 3.86
N VAL C 157 25.48 -25.64 3.67
CA VAL C 157 24.67 -26.62 4.40
C VAL C 157 25.42 -27.16 5.62
N PRO C 158 24.69 -27.73 6.58
CA PRO C 158 25.31 -28.30 7.77
C PRO C 158 25.52 -29.83 7.69
N TRP C 159 25.50 -30.36 6.47
CA TRP C 159 25.64 -31.79 6.23
C TRP C 159 26.86 -32.08 5.36
N ASP C 160 27.20 -33.35 5.29
CA ASP C 160 28.32 -33.83 4.48
C ASP C 160 27.80 -34.33 3.14
N ALA C 163 27.45 -36.95 -0.01
CA ALA C 163 27.29 -38.13 0.84
C ALA C 163 25.94 -38.18 1.59
N ALA C 164 25.37 -37.02 1.88
CA ALA C 164 24.00 -36.94 2.38
C ALA C 164 23.11 -36.48 1.24
N ASP C 165 21.91 -37.06 1.14
CA ASP C 165 20.93 -36.56 0.18
C ASP C 165 20.09 -35.45 0.81
N TRP C 166 20.03 -34.30 0.14
CA TRP C 166 19.24 -33.16 0.61
C TRP C 166 18.48 -32.47 -0.53
N PHE C 167 17.54 -31.62 -0.13
CA PHE C 167 16.61 -30.98 -1.07
C PHE C 167 16.70 -29.48 -0.99
N GLY C 168 16.66 -28.81 -2.14
CA GLY C 168 16.58 -27.34 -2.19
C GLY C 168 15.12 -26.91 -2.36
N ALA C 169 14.57 -26.22 -1.35
CA ALA C 169 13.16 -25.77 -1.38
C ALA C 169 13.02 -24.24 -1.28
N GLY C 170 12.26 -23.66 -2.22
CA GLY C 170 11.86 -22.24 -2.15
C GLY C 170 12.40 -21.38 -3.28
N THR C 171 11.90 -20.17 -3.39
CA THR C 171 12.25 -19.25 -4.48
C THR C 171 13.63 -18.62 -4.36
N GLY C 172 14.30 -18.83 -3.24
CA GLY C 172 15.71 -18.50 -3.16
C GLY C 172 16.50 -19.31 -4.19
N TRP C 173 16.09 -20.55 -4.43
CA TRP C 173 16.75 -21.42 -5.42
C TRP C 173 16.66 -20.96 -6.90
N GLY C 174 16.01 -19.82 -7.15
CA GLY C 174 16.14 -19.14 -8.43
C GLY C 174 17.58 -18.66 -8.64
N TYR C 175 18.32 -18.56 -7.54
CA TYR C 175 19.70 -18.14 -7.56
C TYR C 175 20.67 -19.32 -7.51
N VAL C 176 20.19 -20.53 -7.82
CA VAL C 176 21.00 -21.74 -7.68
C VAL C 176 22.35 -21.69 -8.42
N GLU C 177 22.37 -21.09 -9.60
CA GLU C 177 23.60 -21.00 -10.36
C GLU C 177 24.65 -20.12 -9.69
N ARG C 178 24.21 -19.08 -8.99
CA ARG C 178 25.09 -18.26 -8.19
C ARG C 178 25.50 -18.87 -6.85
N MET C 179 25.08 -20.10 -6.54
CA MET C 179 25.25 -20.71 -5.20
C MET C 179 26.31 -21.80 -5.22
N PRO C 180 27.05 -21.96 -4.11
CA PRO C 180 28.11 -22.97 -4.04
C PRO C 180 27.63 -24.39 -4.30
N GLN C 181 26.69 -24.88 -3.50
CA GLN C 181 26.22 -26.26 -3.60
C GLN C 181 24.95 -26.33 -4.41
N ARG C 182 24.80 -27.40 -5.17
CA ARG C 182 23.54 -27.72 -5.81
C ARG C 182 23.09 -29.05 -5.25
N PRO C 183 21.82 -29.17 -4.90
CA PRO C 183 21.36 -30.43 -4.39
C PRO C 183 21.00 -31.40 -5.50
N VAL C 184 20.92 -32.67 -5.13
CA VAL C 184 20.48 -33.74 -6.01
C VAL C 184 19.11 -33.40 -6.64
N ALA C 185 18.19 -32.88 -5.81
CA ALA C 185 16.83 -32.48 -6.23
C ALA C 185 16.46 -31.10 -5.71
N LEU C 186 15.52 -30.44 -6.38
CA LEU C 186 15.17 -29.08 -5.99
C LEU C 186 13.76 -28.61 -6.46
N ASP C 187 13.18 -27.64 -5.76
CA ASP C 187 11.96 -27.00 -6.23
C ASP C 187 11.95 -25.52 -5.88
N ALA C 188 12.08 -24.66 -6.88
CA ALA C 188 12.20 -23.21 -6.64
C ALA C 188 10.88 -22.42 -6.73
N SER C 189 9.79 -23.13 -7.00
CA SER C 189 8.46 -22.51 -7.08
C SER C 189 7.78 -22.55 -5.72
N LEU C 190 8.29 -23.41 -4.84
CA LEU C 190 7.60 -23.81 -3.62
C LEU C 190 7.44 -22.69 -2.64
N LEU C 191 6.23 -22.56 -2.13
CA LEU C 191 5.91 -21.52 -1.16
C LEU C 191 5.46 -22.10 0.18
N PRO C 192 5.57 -21.29 1.26
CA PRO C 192 4.99 -21.73 2.51
C PRO C 192 3.48 -21.94 2.35
N HIS C 193 2.99 -23.01 2.95
CA HIS C 193 1.62 -23.43 2.82
C HIS C 193 1.12 -23.63 4.24
N ALA C 194 -0.07 -23.10 4.53
CA ALA C 194 -0.62 -23.08 5.90
C ALA C 194 -0.88 -24.48 6.48
N GLU C 195 -1.13 -25.45 5.60
CA GLU C 195 -1.33 -26.84 6.01
C GLU C 195 -0.09 -27.35 6.72
N ASP C 196 1.06 -26.94 6.23
CA ASP C 196 2.31 -27.38 6.80
C ASP C 196 2.67 -26.60 8.06
N LEU C 197 2.34 -25.31 8.06
CA LEU C 197 2.40 -24.54 9.30
C LEU C 197 1.59 -25.24 10.41
N LEU C 198 0.45 -25.79 10.05
CA LEU C 198 -0.40 -26.46 11.02
C LEU C 198 0.24 -27.67 11.65
N SER C 199 1.00 -28.42 10.86
CA SER C 199 1.75 -29.56 11.37
C SER C 199 2.77 -29.11 12.42
N LEU C 200 3.60 -28.15 12.02
CA LEU C 200 4.63 -27.59 12.90
C LEU C 200 4.05 -26.97 14.17
N ALA C 201 2.90 -26.33 14.02
CA ALA C 201 2.22 -25.70 15.16
C ALA C 201 1.81 -26.74 16.17
N GLY C 202 1.40 -27.90 15.66
CA GLY C 202 1.03 -29.04 16.51
C GLY C 202 2.14 -29.49 17.44
N PHE C 203 3.34 -29.65 16.89
CA PHE C 203 4.49 -30.01 17.69
C PHE C 203 4.77 -28.93 18.72
N ALA C 204 4.72 -27.67 18.31
CA ALA C 204 4.96 -26.55 19.24
C ALA C 204 3.89 -26.48 20.33
N TRP C 205 2.64 -26.78 19.97
CA TRP C 205 1.53 -26.73 20.92
C TRP C 205 1.61 -27.85 21.95
N ALA C 206 2.06 -29.03 21.50
CA ALA C 206 2.39 -30.17 22.35
C ALA C 206 3.47 -29.86 23.40
N ARG C 207 4.54 -29.17 23.00
CA ARG C 207 5.53 -28.64 23.95
C ARG C 207 5.08 -27.38 24.73
N GLY C 208 3.85 -26.91 24.47
CA GLY C 208 3.26 -25.75 25.14
C GLY C 208 3.97 -24.43 24.84
N GLU C 209 4.46 -24.25 23.61
CA GLU C 209 5.29 -23.10 23.25
C GLU C 209 4.52 -21.79 22.98
N GLY C 210 3.22 -21.80 23.22
CA GLY C 210 2.40 -20.62 22.91
C GLY C 210 2.69 -19.39 23.74
N VAL C 211 2.54 -18.21 23.12
CA VAL C 211 2.74 -16.94 23.80
C VAL C 211 1.51 -16.02 23.71
N GLU C 212 1.54 -14.91 24.46
CA GLU C 212 0.47 -13.91 24.42
C GLU C 212 0.49 -13.13 23.12
N ALA C 213 -0.65 -12.59 22.75
CA ALA C 213 -0.83 -11.96 21.44
C ALA C 213 0.13 -10.79 21.21
N GLU C 214 0.45 -10.08 22.27
CA GLU C 214 1.37 -8.95 22.24
C GLU C 214 2.77 -9.34 21.76
N GLN C 215 3.10 -10.63 21.83
CA GLN C 215 4.41 -11.11 21.44
C GLN C 215 4.39 -11.79 20.07
N ALA C 216 3.26 -11.76 19.38
CA ALA C 216 3.20 -12.20 18.00
C ALA C 216 4.01 -11.23 17.15
N LEU C 217 5.28 -11.55 16.92
CA LEU C 217 6.18 -10.62 16.23
C LEU C 217 6.95 -11.22 15.07
N PRO C 218 7.30 -10.38 14.06
CA PRO C 218 8.12 -10.87 12.95
C PRO C 218 9.60 -10.97 13.34
N VAL C 219 10.33 -11.81 12.62
CA VAL C 219 11.79 -11.92 12.82
C VAL C 219 12.59 -10.90 12.05
N TYR C 220 13.79 -10.67 12.56
CA TYR C 220 14.80 -9.79 11.96
C TYR C 220 16.06 -10.66 11.79
N LEU C 221 16.64 -10.64 10.58
CA LEU C 221 17.81 -11.45 10.24
C LEU C 221 18.91 -10.57 9.66
N SER D 8 -8.09 -28.23 -26.38
CA SER D 8 -8.48 -27.00 -25.62
C SER D 8 -8.40 -25.75 -26.47
N THR D 9 -9.51 -25.02 -26.56
CA THR D 9 -9.56 -23.73 -27.22
C THR D 9 -9.25 -22.62 -26.18
N LEU D 10 -8.16 -21.88 -26.39
CA LEU D 10 -7.72 -20.81 -25.48
C LEU D 10 -7.63 -19.47 -26.18
N LEU D 11 -8.23 -18.45 -25.56
CA LEU D 11 -8.16 -17.05 -26.07
C LEU D 11 -7.24 -16.21 -25.16
N ALA D 12 -6.36 -15.42 -25.76
CA ALA D 12 -5.36 -14.64 -25.02
C ALA D 12 -5.32 -13.20 -25.48
N LEU D 13 -5.31 -12.28 -24.51
CA LEU D 13 -5.41 -10.82 -24.73
C LEU D 13 -4.30 -10.04 -24.02
N ASP D 14 -3.75 -9.03 -24.68
CA ASP D 14 -2.81 -8.13 -24.03
C ASP D 14 -2.92 -6.71 -24.54
N THR D 15 -3.07 -5.80 -23.59
CA THR D 15 -2.97 -4.36 -23.82
C THR D 15 -2.05 -3.75 -22.77
N SER D 16 -1.13 -4.54 -22.25
CA SER D 16 -0.36 -4.17 -21.08
C SER D 16 0.41 -2.92 -21.36
N THR D 17 0.91 -2.83 -22.58
CA THR D 17 1.66 -1.68 -22.98
C THR D 17 0.92 -1.02 -24.09
N GLU D 18 1.66 -0.31 -24.91
CA GLU D 18 1.22 0.36 -26.08
C GLU D 18 0.78 -0.59 -27.16
N ALA D 19 1.48 -1.69 -27.30
CA ALA D 19 1.08 -2.74 -28.24
C ALA D 19 -0.22 -3.40 -27.82
N CYS D 20 -1.05 -3.70 -28.81
CA CYS D 20 -2.33 -4.37 -28.60
C CYS D 20 -2.31 -5.68 -29.38
N SER D 21 -2.57 -6.78 -28.69
CA SER D 21 -2.47 -8.10 -29.30
C SER D 21 -3.47 -9.13 -28.74
N VAL D 22 -3.90 -10.05 -29.60
CA VAL D 22 -4.83 -11.09 -29.22
C VAL D 22 -4.36 -12.37 -29.90
N ALA D 23 -4.64 -13.52 -29.29
CA ALA D 23 -4.26 -14.80 -29.89
C ALA D 23 -5.26 -15.88 -29.55
N LEU D 24 -5.25 -16.96 -30.34
CA LEU D 24 -6.18 -18.07 -30.19
C LEU D 24 -5.50 -19.41 -30.43
N LEU D 25 -5.76 -20.37 -29.55
CA LEU D 25 -5.36 -21.75 -29.78
C LEU D 25 -6.59 -22.61 -29.98
N HIS D 26 -6.95 -22.88 -31.24
CA HIS D 26 -8.03 -23.82 -31.55
C HIS D 26 -7.51 -25.01 -32.39
N GLU D 27 -7.98 -26.22 -32.08
CA GLU D 27 -7.58 -27.44 -32.82
C GLU D 27 -6.05 -27.56 -32.90
N GLY D 28 -5.36 -27.25 -31.80
CA GLY D 28 -3.90 -27.25 -31.76
C GLY D 28 -3.17 -26.23 -32.63
N ARG D 29 -3.90 -25.42 -33.40
CA ARG D 29 -3.30 -24.34 -34.24
C ARG D 29 -3.26 -23.04 -33.43
N ALA D 30 -2.20 -22.28 -33.57
CA ALA D 30 -2.05 -21.03 -32.82
C ALA D 30 -2.01 -19.87 -33.79
N LEU D 31 -2.94 -18.91 -33.64
CA LEU D 31 -3.05 -17.76 -34.52
C LEU D 31 -2.94 -16.46 -33.69
N SER D 32 -2.35 -15.42 -34.28
CA SER D 32 -2.12 -14.18 -33.55
C SER D 32 -2.19 -12.95 -34.42
N HIS D 33 -2.72 -11.88 -33.83
CA HIS D 33 -2.79 -10.55 -34.42
C HIS D 33 -2.02 -9.60 -33.50
N TYR D 34 -1.13 -8.80 -34.05
CA TYR D 34 -0.32 -7.85 -33.29
C TYR D 34 -0.40 -6.46 -33.96
N GLU D 35 -0.53 -5.40 -33.15
CA GLU D 35 -0.67 -4.04 -33.66
C GLU D 35 -0.18 -3.06 -32.60
N VAL D 36 0.75 -2.20 -32.98
CA VAL D 36 1.28 -1.19 -32.06
C VAL D 36 0.43 0.04 -32.19
N ILE D 37 -0.27 0.43 -31.12
CA ILE D 37 -1.10 1.65 -31.20
C ILE D 37 -1.20 2.41 -29.87
N PRO D 38 -0.63 3.63 -29.81
CA PRO D 38 -0.70 4.41 -28.58
C PRO D 38 -2.12 4.94 -28.29
N LEU D 40 -5.54 4.13 -26.91
CA LEU D 40 -6.42 3.63 -27.97
C LEU D 40 -6.78 2.13 -27.87
N HIS D 41 -6.47 1.53 -26.73
CA HIS D 41 -6.76 0.12 -26.45
C HIS D 41 -8.22 -0.17 -26.14
N ALA D 42 -8.86 0.75 -25.43
CA ALA D 42 -10.30 0.63 -25.18
C ALA D 42 -11.10 0.75 -26.48
N GLN D 43 -10.39 0.87 -27.60
CA GLN D 43 -11.02 1.04 -28.90
C GLN D 43 -10.70 -0.07 -29.90
N ARG D 44 -9.50 -0.64 -29.85
CA ARG D 44 -9.07 -1.62 -30.85
C ARG D 44 -9.01 -3.10 -30.38
N LEU D 45 -9.11 -3.34 -29.07
CA LEU D 45 -9.02 -4.70 -28.54
C LEU D 45 -10.15 -5.62 -29.04
N LEU D 46 -11.40 -5.24 -28.78
CA LEU D 46 -12.50 -6.10 -29.18
C LEU D 46 -12.63 -6.30 -30.71
N PRO D 47 -12.45 -5.23 -31.50
CA PRO D 47 -12.35 -5.46 -32.94
C PRO D 47 -11.34 -6.53 -33.30
N MET D 48 -10.18 -6.48 -32.64
CA MET D 48 -9.13 -7.47 -32.88
C MET D 48 -9.58 -8.87 -32.49
N VAL D 49 -10.35 -8.97 -31.43
CA VAL D 49 -10.84 -10.25 -30.97
C VAL D 49 -11.80 -10.78 -32.02
N ARG D 50 -12.69 -9.92 -32.50
CA ARG D 50 -13.70 -10.37 -33.47
C ARG D 50 -13.03 -10.77 -34.80
N ASP D 51 -12.08 -9.95 -35.27
CA ASP D 51 -11.36 -10.23 -36.52
C ASP D 51 -10.65 -11.57 -36.40
N LEU D 52 -9.89 -11.72 -35.32
CA LEU D 52 -9.14 -12.95 -35.14
C LEU D 52 -10.09 -14.14 -35.10
N LEU D 53 -11.21 -13.98 -34.42
CA LEU D 53 -12.22 -15.05 -34.34
C LEU D 53 -12.77 -15.42 -35.69
N ASP D 54 -13.09 -14.42 -36.51
CA ASP D 54 -13.56 -14.68 -37.87
C ASP D 54 -12.51 -15.48 -38.64
N GLU D 55 -11.28 -14.99 -38.58
CA GLU D 55 -10.17 -15.57 -39.32
C GLU D 55 -9.91 -17.03 -38.92
N ALA D 56 -10.27 -17.43 -37.71
CA ALA D 56 -10.10 -18.82 -37.25
C ALA D 56 -11.36 -19.67 -37.47
N GLY D 57 -12.45 -19.00 -37.85
CA GLY D 57 -13.74 -19.68 -37.98
C GLY D 57 -14.10 -20.33 -36.66
N VAL D 58 -13.96 -19.57 -35.58
CA VAL D 58 -14.29 -20.03 -34.23
C VAL D 58 -15.31 -19.10 -33.60
N ALA D 59 -16.19 -19.70 -32.82
CA ALA D 59 -17.21 -18.98 -32.08
C ALA D 59 -16.76 -18.87 -30.65
N LEU D 60 -17.00 -17.72 -30.04
CA LEU D 60 -16.51 -17.42 -28.70
C LEU D 60 -16.93 -18.47 -27.66
N SER D 61 -18.13 -19.01 -27.83
CA SER D 61 -18.63 -20.14 -27.00
C SER D 61 -17.69 -21.36 -27.00
N ALA D 62 -16.96 -21.59 -28.09
CA ALA D 62 -15.95 -22.66 -28.14
C ALA D 62 -14.83 -22.54 -27.08
N VAL D 63 -14.49 -21.29 -26.72
CA VAL D 63 -13.34 -21.00 -25.87
C VAL D 63 -13.48 -21.64 -24.50
N ASP D 64 -12.42 -22.29 -24.03
CA ASP D 64 -12.41 -22.96 -22.72
C ASP D 64 -11.83 -22.10 -21.63
N ALA D 65 -10.89 -21.23 -21.98
CA ALA D 65 -10.27 -20.36 -20.98
C ALA D 65 -9.65 -19.16 -21.63
N ILE D 66 -9.52 -18.09 -20.84
CA ILE D 66 -9.03 -16.82 -21.34
C ILE D 66 -7.81 -16.35 -20.55
N ALA D 67 -6.68 -16.28 -21.26
CA ALA D 67 -5.45 -15.79 -20.70
C ALA D 67 -5.31 -14.28 -20.91
N PHE D 68 -4.62 -13.65 -19.98
CA PHE D 68 -4.39 -12.23 -20.07
C PHE D 68 -3.09 -11.88 -19.38
N GLY D 69 -2.48 -10.81 -19.86
CA GLY D 69 -1.34 -10.20 -19.20
C GLY D 69 -1.83 -9.42 -18.00
N ARG D 70 -1.34 -9.77 -16.81
CA ARG D 70 -1.82 -9.15 -15.58
C ARG D 70 -1.01 -7.93 -15.20
N GLY D 71 -0.10 -7.52 -16.07
CA GLY D 71 0.86 -6.50 -15.72
C GLY D 71 2.16 -7.17 -15.33
N PRO D 72 3.15 -6.38 -14.94
CA PRO D 72 3.05 -4.91 -14.90
C PRO D 72 3.13 -4.25 -16.29
N GLY D 73 2.99 -2.93 -16.29
CA GLY D 73 3.01 -2.14 -17.52
C GLY D 73 2.13 -0.91 -17.36
N ALA D 74 1.89 -0.23 -18.48
CA ALA D 74 0.99 0.93 -18.50
C ALA D 74 -0.23 0.62 -17.64
N PHE D 75 -0.52 1.50 -16.67
CA PHE D 75 -1.62 1.32 -15.74
C PHE D 75 -3.01 1.35 -16.39
N THR D 76 -3.20 2.23 -17.37
CA THR D 76 -4.48 2.34 -18.05
C THR D 76 -4.75 1.07 -18.87
N GLY D 77 -3.83 0.77 -19.78
CA GLY D 77 -3.97 -0.37 -20.69
C GLY D 77 -4.20 -1.69 -19.99
N VAL D 78 -3.48 -1.91 -18.89
CA VAL D 78 -3.63 -3.12 -18.07
C VAL D 78 -5.04 -3.19 -17.51
N ARG D 79 -5.54 -2.08 -16.98
CA ARG D 79 -6.79 -2.10 -16.23
C ARG D 79 -7.97 -2.36 -17.15
N ILE D 80 -7.78 -2.08 -18.44
CA ILE D 80 -8.84 -2.26 -19.42
C ILE D 80 -8.88 -3.71 -19.88
N ALA D 81 -7.72 -4.27 -20.22
CA ALA D 81 -7.66 -5.66 -20.59
C ALA D 81 -8.18 -6.54 -19.45
N ILE D 82 -7.88 -6.17 -18.20
CA ILE D 82 -8.37 -6.93 -17.05
C ILE D 82 -9.90 -6.88 -17.09
N GLY D 83 -10.43 -5.71 -17.34
CA GLY D 83 -11.87 -5.50 -17.26
C GLY D 83 -12.59 -6.24 -18.34
N VAL D 84 -12.06 -6.12 -19.56
CA VAL D 84 -12.58 -6.86 -20.70
C VAL D 84 -12.63 -8.34 -20.39
N VAL D 85 -11.51 -8.89 -19.93
CA VAL D 85 -11.38 -10.33 -19.62
C VAL D 85 -12.39 -10.79 -18.59
N GLN D 86 -12.54 -10.02 -17.54
CA GLN D 86 -13.47 -10.35 -16.47
C GLN D 86 -14.88 -10.42 -17.05
N GLY D 87 -15.16 -9.49 -17.96
CA GLY D 87 -16.46 -9.40 -18.54
C GLY D 87 -16.74 -10.57 -19.45
N LEU D 88 -15.79 -10.87 -20.30
CA LEU D 88 -15.90 -12.01 -21.19
C LEU D 88 -16.11 -13.29 -20.39
N ALA D 89 -15.26 -13.52 -19.40
CA ALA D 89 -15.28 -14.76 -18.64
C ALA D 89 -16.55 -14.90 -17.80
N PHE D 90 -16.99 -13.82 -17.18
CA PHE D 90 -18.21 -13.88 -16.38
C PHE D 90 -19.38 -14.35 -17.24
N ALA D 91 -19.51 -13.74 -18.41
CA ALA D 91 -20.60 -13.99 -19.34
C ALA D 91 -20.53 -15.34 -20.03
N LEU D 92 -19.34 -15.80 -20.34
CA LEU D 92 -19.18 -17.12 -20.99
C LEU D 92 -19.11 -18.24 -19.96
N GLN D 93 -18.99 -17.85 -18.68
CA GLN D 93 -18.75 -18.76 -17.56
C GLN D 93 -17.50 -19.62 -17.81
N ARG D 94 -16.36 -18.95 -17.86
CA ARG D 94 -15.11 -19.59 -18.18
C ARG D 94 -14.02 -19.14 -17.23
N PRO D 95 -13.07 -20.04 -16.96
CA PRO D 95 -11.94 -19.69 -16.13
C PRO D 95 -10.99 -18.74 -16.83
N VAL D 96 -10.15 -18.07 -16.05
CA VAL D 96 -9.17 -17.11 -16.60
C VAL D 96 -7.78 -17.52 -16.14
N LEU D 97 -6.76 -17.11 -16.89
CA LEU D 97 -5.35 -17.40 -16.60
C LEU D 97 -4.54 -16.12 -16.56
N ALA D 98 -4.10 -15.72 -15.38
CA ALA D 98 -3.27 -14.53 -15.21
C ALA D 98 -1.82 -14.89 -15.47
N VAL D 99 -1.18 -14.17 -16.38
CA VAL D 99 0.24 -14.40 -16.70
C VAL D 99 0.98 -13.07 -16.69
N SER D 100 2.15 -13.05 -16.07
CA SER D 100 2.97 -11.85 -15.98
C SER D 100 3.44 -11.32 -17.32
N ASP D 101 3.38 -10.00 -17.47
CA ASP D 101 3.93 -9.39 -18.66
C ASP D 101 5.43 -9.56 -18.80
N LEU D 102 6.12 -9.71 -17.67
CA LEU D 102 7.56 -9.92 -17.71
C LEU D 102 7.82 -11.32 -18.23
N ALA D 103 6.99 -12.28 -17.84
CA ALA D 103 7.16 -13.63 -18.39
C ALA D 103 6.90 -13.62 -19.88
N ILE D 104 5.95 -12.79 -20.31
CA ILE D 104 5.59 -12.76 -21.72
C ILE D 104 6.76 -12.26 -22.55
N LEU D 105 7.40 -11.18 -22.10
CA LEU D 105 8.62 -10.66 -22.71
C LEU D 105 9.67 -11.76 -22.84
N ALA D 106 9.97 -12.39 -21.72
CA ALA D 106 10.92 -13.50 -21.70
C ALA D 106 10.60 -14.65 -22.66
N GLN D 107 9.32 -14.89 -22.90
CA GLN D 107 8.89 -15.96 -23.80
C GLN D 107 9.01 -15.52 -25.25
N ARG D 108 8.72 -14.24 -25.49
CA ARG D 108 8.92 -13.66 -26.81
C ARG D 108 10.39 -13.73 -27.17
N ALA D 109 11.24 -13.15 -26.33
CA ALA D 109 12.68 -13.09 -26.60
C ALA D 109 13.28 -14.48 -26.77
N TYR D 110 12.66 -15.49 -26.20
CA TYR D 110 13.05 -16.87 -26.51
C TYR D 110 12.62 -17.26 -27.93
N ARG D 111 11.32 -17.20 -28.20
CA ARG D 111 10.78 -17.57 -29.50
C ARG D 111 11.52 -16.85 -30.63
N GLU D 112 11.77 -15.55 -30.47
CA GLU D 112 12.30 -14.70 -31.54
C GLU D 112 13.82 -14.72 -31.67
N GLN D 113 14.49 -14.49 -30.56
CA GLN D 113 15.96 -14.38 -30.54
C GLN D 113 16.68 -15.63 -30.00
N GLY D 114 15.96 -16.75 -29.88
CA GLY D 114 16.53 -17.99 -29.30
C GLY D 114 16.95 -17.98 -27.82
N ALA D 115 16.71 -16.88 -27.09
CA ALA D 115 17.26 -16.68 -25.70
C ALA D 115 16.76 -17.68 -24.65
N GLU D 116 17.68 -18.50 -24.15
CA GLU D 116 17.40 -19.53 -23.14
C GLU D 116 17.26 -18.94 -21.75
N ARG D 117 17.74 -17.71 -21.56
CA ARG D 117 17.45 -16.98 -20.35
C ARG D 117 17.36 -15.49 -20.62
N VAL D 118 16.37 -14.84 -19.97
CA VAL D 118 16.03 -13.45 -20.23
C VAL D 118 15.87 -12.67 -18.92
N ALA D 119 16.22 -11.40 -18.96
CA ALA D 119 16.02 -10.51 -17.85
C ALA D 119 15.08 -9.42 -18.35
N ALA D 120 13.81 -9.58 -18.01
CA ALA D 120 12.78 -8.69 -18.49
C ALA D 120 12.70 -7.41 -17.66
N ALA D 121 12.48 -6.28 -18.34
CA ALA D 121 12.35 -4.99 -17.67
C ALA D 121 11.41 -4.04 -18.38
N ILE D 122 10.53 -3.40 -17.62
CA ILE D 122 9.50 -2.50 -18.15
C ILE D 122 9.49 -1.19 -17.36
N ASP D 123 9.62 -0.07 -18.07
CA ASP D 123 9.64 1.24 -17.40
C ASP D 123 8.31 1.51 -16.68
N ALA D 124 8.38 2.03 -15.44
CA ALA D 124 7.19 2.36 -14.65
C ALA D 124 6.93 3.86 -14.67
N MET D 126 7.37 6.04 -11.38
CA MET D 126 7.97 7.25 -11.97
C MET D 126 9.39 6.96 -12.47
N ASP D 127 10.30 6.75 -11.53
CA ASP D 127 11.72 6.59 -11.83
C ASP D 127 12.10 5.12 -12.02
N GLU D 128 11.62 4.30 -11.09
CA GLU D 128 11.84 2.85 -11.05
C GLU D 128 11.42 2.12 -12.34
N VAL D 129 11.87 0.87 -12.46
CA VAL D 129 11.48 -0.01 -13.57
C VAL D 129 11.09 -1.41 -13.09
N TYR D 130 10.12 -1.99 -13.78
CA TYR D 130 9.65 -3.34 -13.47
C TYR D 130 10.65 -4.38 -13.92
N TRP D 131 10.98 -5.30 -13.01
CA TRP D 131 12.10 -6.22 -13.20
C TRP D 131 11.72 -7.68 -12.93
N GLY D 132 12.06 -8.57 -13.87
CA GLY D 132 11.93 -10.00 -13.61
C GLY D 132 12.82 -10.86 -14.49
N CYS D 133 13.48 -11.86 -13.89
CA CYS D 133 14.41 -12.71 -14.64
C CYS D 133 13.85 -14.11 -14.79
N TYR D 134 13.90 -14.62 -16.02
CA TYR D 134 13.26 -15.89 -16.40
C TYR D 134 14.26 -16.85 -17.03
N GLN D 135 14.03 -18.14 -16.86
CA GLN D 135 14.89 -19.18 -17.42
C GLN D 135 14.04 -20.21 -18.12
N LEU D 136 14.57 -20.77 -19.19
CA LEU D 136 13.83 -21.80 -19.94
C LEU D 136 13.90 -23.14 -19.21
N GLN D 137 12.74 -23.79 -19.13
CA GLN D 137 12.57 -25.07 -18.50
C GLN D 137 11.43 -25.80 -19.24
N GLN D 138 11.84 -26.65 -20.17
CA GLN D 138 10.95 -27.45 -21.01
C GLN D 138 10.08 -26.57 -21.89
N GLY D 139 10.70 -25.66 -22.61
CA GLY D 139 9.98 -24.76 -23.51
C GLY D 139 9.19 -23.63 -22.84
N GLU D 140 9.24 -23.53 -21.51
CA GLU D 140 8.54 -22.45 -20.79
C GLU D 140 9.53 -21.59 -20.05
N MET D 141 9.50 -20.28 -20.31
CA MET D 141 10.31 -19.32 -19.56
C MET D 141 9.74 -19.10 -18.15
N ARG D 142 10.29 -19.81 -17.18
CA ARG D 142 9.81 -19.73 -15.80
C ARG D 142 10.57 -18.68 -14.97
N LEU D 143 9.87 -18.07 -14.02
CA LEU D 143 10.45 -17.02 -13.19
C LEU D 143 11.52 -17.62 -12.30
N ALA D 144 12.60 -16.87 -12.12
CA ALA D 144 13.72 -17.34 -11.31
C ALA D 144 13.49 -17.04 -9.84
N GLY D 145 13.62 -15.78 -9.47
CA GLY D 145 13.39 -15.38 -8.07
C GLY D 145 11.97 -14.88 -7.90
N SER D 146 11.85 -13.55 -7.81
CA SER D 146 10.57 -12.88 -7.62
C SER D 146 10.56 -11.67 -8.54
N GLU D 147 9.38 -11.27 -8.98
CA GLU D 147 9.27 -10.05 -9.75
C GLU D 147 9.38 -8.88 -8.81
N ALA D 148 9.99 -7.78 -9.27
CA ALA D 148 10.16 -6.59 -8.45
C ALA D 148 10.05 -5.28 -9.22
N VAL D 149 9.65 -4.24 -8.48
CA VAL D 149 9.73 -2.84 -8.92
C VAL D 149 10.94 -2.19 -8.23
N LEU D 150 11.90 -1.69 -9.00
CA LEU D 150 13.16 -1.19 -8.45
C LEU D 150 13.70 -0.04 -9.29
N PRO D 151 14.60 0.78 -8.73
CA PRO D 151 15.32 1.73 -9.57
C PRO D 151 16.41 1.03 -10.37
N PRO D 152 16.69 1.51 -11.58
CA PRO D 152 17.55 0.80 -12.54
C PRO D 152 18.89 0.33 -11.99
N GLU D 153 19.46 1.11 -11.08
CA GLU D 153 20.77 0.83 -10.51
C GLU D 153 20.75 -0.39 -9.61
N ARG D 154 19.68 -0.52 -8.82
CA ARG D 154 19.56 -1.60 -7.83
C ARG D 154 19.36 -2.99 -8.45
N VAL D 155 19.11 -3.04 -9.75
CA VAL D 155 18.68 -4.27 -10.40
C VAL D 155 19.74 -5.36 -10.38
N ALA D 156 19.33 -6.55 -9.96
CA ALA D 156 20.22 -7.70 -9.85
C ALA D 156 19.83 -8.81 -10.81
N VAL D 157 20.65 -9.86 -10.87
CA VAL D 157 20.38 -10.99 -11.74
C VAL D 157 20.59 -12.27 -10.99
N PRO D 158 19.93 -13.34 -11.43
CA PRO D 158 20.06 -14.58 -10.68
C PRO D 158 21.13 -15.51 -11.16
N TRP D 159 21.95 -15.08 -12.14
CA TRP D 159 23.08 -15.89 -12.62
C TRP D 159 24.41 -15.16 -12.40
N ASP D 165 25.75 -15.13 -21.85
CA ASP D 165 24.75 -16.12 -22.27
C ASP D 165 23.31 -15.82 -21.79
N TRP D 166 22.95 -14.53 -21.74
CA TRP D 166 21.62 -14.08 -21.31
C TRP D 166 21.16 -12.75 -21.94
N PHE D 167 19.86 -12.72 -22.30
CA PHE D 167 19.24 -11.61 -23.05
C PHE D 167 18.53 -10.59 -22.15
N GLY D 168 18.39 -9.36 -22.63
CA GLY D 168 17.69 -8.28 -21.89
C GLY D 168 16.51 -7.74 -22.67
N ALA D 169 15.30 -7.87 -22.11
CA ALA D 169 14.07 -7.56 -22.84
C ALA D 169 13.21 -6.52 -22.16
N GLY D 170 12.70 -5.59 -22.96
CA GLY D 170 11.61 -4.71 -22.52
C GLY D 170 11.90 -3.23 -22.57
N THR D 171 10.86 -2.43 -22.31
CA THR D 171 10.92 -0.96 -22.35
C THR D 171 11.92 -0.45 -21.32
N GLY D 172 12.01 -1.15 -20.20
CA GLY D 172 12.90 -0.77 -19.09
C GLY D 172 14.40 -0.92 -19.32
N TRP D 173 14.78 -1.60 -20.41
CA TRP D 173 16.20 -1.71 -20.80
C TRP D 173 16.70 -0.47 -21.58
N GLY D 174 15.82 0.51 -21.79
CA GLY D 174 16.22 1.83 -22.26
C GLY D 174 17.01 2.60 -21.21
N TYR D 175 16.74 2.33 -19.93
CA TYR D 175 17.55 2.84 -18.81
C TYR D 175 18.70 1.88 -18.48
N VAL D 176 19.50 1.54 -19.49
CA VAL D 176 20.54 0.51 -19.37
C VAL D 176 21.70 0.94 -18.46
N GLU D 177 22.20 2.15 -18.62
CA GLU D 177 23.41 2.58 -17.93
C GLU D 177 23.31 2.55 -16.41
N ARG D 178 24.40 2.11 -15.81
CA ARG D 178 24.48 1.79 -14.38
C ARG D 178 23.33 0.80 -14.07
N MET D 179 23.48 -0.45 -14.48
CA MET D 179 22.43 -1.46 -14.25
C MET D 179 22.48 -2.22 -12.91
N PRO D 180 23.64 -2.72 -12.44
CA PRO D 180 24.95 -2.44 -12.99
C PRO D 180 25.38 -3.32 -14.18
N GLN D 181 24.82 -4.52 -14.31
CA GLN D 181 25.28 -5.44 -15.34
C GLN D 181 24.62 -5.19 -16.71
N ARG D 182 25.45 -5.21 -17.75
CA ARG D 182 25.01 -5.09 -19.13
C ARG D 182 25.01 -6.49 -19.74
N PRO D 183 24.09 -6.78 -20.67
CA PRO D 183 23.97 -8.14 -21.20
C PRO D 183 24.72 -8.40 -22.52
N VAL D 184 24.64 -9.65 -22.97
CA VAL D 184 25.20 -10.09 -24.27
C VAL D 184 24.58 -9.30 -25.43
N ALA D 185 23.24 -9.40 -25.56
CA ALA D 185 22.46 -8.65 -26.55
C ALA D 185 21.15 -8.18 -25.88
N LEU D 186 20.46 -7.21 -26.47
CA LEU D 186 19.23 -6.70 -25.86
C LEU D 186 18.29 -5.94 -26.83
N ASP D 187 16.99 -5.99 -26.54
CA ASP D 187 15.97 -5.25 -27.30
C ASP D 187 15.14 -4.36 -26.38
N ALA D 188 15.45 -3.07 -26.41
CA ALA D 188 14.81 -2.09 -25.52
C ALA D 188 13.42 -1.63 -25.97
N SER D 189 12.98 -2.09 -27.14
CA SER D 189 11.66 -1.72 -27.68
C SER D 189 10.75 -2.96 -27.76
N LEU D 190 11.15 -4.03 -27.06
CA LEU D 190 10.37 -5.26 -27.08
C LEU D 190 9.20 -5.13 -26.12
N LEU D 191 8.03 -5.43 -26.64
CA LEU D 191 6.78 -5.35 -25.89
C LEU D 191 6.14 -6.73 -25.80
N PRO D 192 5.12 -6.89 -24.93
CA PRO D 192 4.46 -8.18 -24.87
C PRO D 192 3.65 -8.50 -26.12
N HIS D 193 3.59 -9.79 -26.44
CA HIS D 193 2.92 -10.31 -27.62
C HIS D 193 2.02 -11.52 -27.22
N ALA D 194 0.74 -11.43 -27.60
CA ALA D 194 -0.30 -12.43 -27.31
C ALA D 194 0.05 -13.91 -27.62
N GLU D 195 0.68 -14.16 -28.76
CA GLU D 195 1.21 -15.50 -29.10
C GLU D 195 2.10 -16.11 -27.99
N ASP D 196 2.89 -15.27 -27.34
CA ASP D 196 3.77 -15.74 -26.27
C ASP D 196 3.03 -15.80 -24.94
N LEU D 197 2.07 -14.92 -24.75
CA LEU D 197 1.08 -15.11 -23.71
C LEU D 197 0.31 -16.44 -23.88
N LEU D 198 -0.02 -16.75 -25.14
CA LEU D 198 -0.69 -18.00 -25.49
C LEU D 198 0.15 -19.21 -25.12
N SER D 199 1.42 -19.16 -25.48
CA SER D 199 2.34 -20.26 -25.16
C SER D 199 2.30 -20.54 -23.67
N LEU D 200 2.59 -19.51 -22.89
CA LEU D 200 2.62 -19.58 -21.44
C LEU D 200 1.31 -20.03 -20.86
N ALA D 201 0.21 -19.57 -21.44
CA ALA D 201 -1.12 -20.00 -21.01
C ALA D 201 -1.29 -21.52 -21.14
N GLY D 202 -0.92 -22.09 -22.28
CA GLY D 202 -0.99 -23.55 -22.48
C GLY D 202 -0.31 -24.35 -21.39
N PHE D 203 0.82 -23.83 -20.92
CA PHE D 203 1.52 -24.45 -19.80
C PHE D 203 0.65 -24.34 -18.55
N ALA D 204 0.18 -23.13 -18.27
CA ALA D 204 -0.66 -22.87 -17.08
C ALA D 204 -1.94 -23.71 -17.10
N TRP D 205 -2.62 -23.68 -18.24
CA TRP D 205 -3.84 -24.46 -18.45
C TRP D 205 -3.58 -25.91 -18.10
N ALA D 206 -2.61 -26.52 -18.80
CA ALA D 206 -2.27 -27.94 -18.60
C ALA D 206 -2.00 -28.32 -17.14
N ARG D 207 -1.45 -27.40 -16.34
CA ARG D 207 -1.27 -27.60 -14.89
C ARG D 207 -2.50 -27.33 -14.00
N GLY D 208 -3.66 -27.02 -14.59
CA GLY D 208 -4.88 -26.64 -13.84
C GLY D 208 -4.83 -25.31 -13.09
N GLU D 209 -4.12 -24.32 -13.63
CA GLU D 209 -3.93 -23.02 -12.95
C GLU D 209 -5.10 -22.00 -13.11
N GLY D 210 -6.20 -22.38 -13.77
CA GLY D 210 -7.31 -21.43 -14.00
C GLY D 210 -8.04 -20.91 -12.76
N VAL D 211 -8.61 -19.72 -12.84
CA VAL D 211 -9.41 -19.17 -11.74
C VAL D 211 -10.66 -18.47 -12.24
N GLU D 212 -11.48 -18.07 -11.28
CA GLU D 212 -12.75 -17.43 -11.55
C GLU D 212 -12.53 -16.05 -12.12
N ALA D 213 -13.52 -15.58 -12.89
CA ALA D 213 -13.46 -14.24 -13.46
C ALA D 213 -13.31 -13.22 -12.34
N GLU D 214 -14.07 -13.46 -11.27
CA GLU D 214 -14.05 -12.59 -10.10
C GLU D 214 -12.62 -12.23 -9.67
N GLN D 215 -11.71 -13.19 -9.79
CA GLN D 215 -10.36 -13.06 -9.23
C GLN D 215 -9.26 -12.59 -10.18
N ALA D 216 -9.60 -12.25 -11.42
CA ALA D 216 -8.62 -11.63 -12.32
C ALA D 216 -8.22 -10.24 -11.81
N LEU D 217 -6.93 -10.06 -11.52
CA LEU D 217 -6.49 -8.84 -10.83
C LEU D 217 -5.06 -8.45 -11.18
N PRO D 218 -4.76 -7.13 -11.14
CA PRO D 218 -3.40 -6.79 -11.52
C PRO D 218 -2.39 -6.93 -10.38
N VAL D 219 -1.12 -6.91 -10.77
CA VAL D 219 0.00 -6.86 -9.82
C VAL D 219 0.03 -5.54 -9.05
N SER E 8 19.61 23.48 34.25
CA SER E 8 19.61 21.99 34.38
C SER E 8 20.94 21.40 33.92
N THR E 9 21.29 20.25 34.48
CA THR E 9 22.52 19.51 34.09
C THR E 9 22.19 18.31 33.19
N LEU E 10 22.77 18.31 31.98
CA LEU E 10 22.49 17.31 30.94
C LEU E 10 23.75 16.64 30.40
N LEU E 11 23.64 15.34 30.12
CA LEU E 11 24.75 14.56 29.62
C LEU E 11 24.47 14.07 28.21
N ALA E 12 25.46 14.15 27.33
CA ALA E 12 25.26 13.84 25.90
C ALA E 12 26.28 12.85 25.32
N LEU E 13 25.82 11.70 24.83
CA LEU E 13 26.70 10.68 24.25
C LEU E 13 26.38 10.42 22.78
N ASP E 14 27.40 10.16 21.98
CA ASP E 14 27.20 9.74 20.59
C ASP E 14 28.28 8.83 20.01
N THR E 15 27.88 7.64 19.60
CA THR E 15 28.81 6.66 19.02
C THR E 15 28.28 6.13 17.70
N SER E 16 27.52 6.95 16.99
CA SER E 16 26.79 6.49 15.82
C SER E 16 27.65 6.38 14.56
N THR E 17 28.80 7.03 14.60
CA THR E 17 29.73 7.03 13.47
C THR E 17 31.15 6.58 13.91
N GLU E 18 32.15 6.92 13.10
CA GLU E 18 33.54 6.73 13.51
C GLU E 18 33.77 7.52 14.80
N ALA E 19 33.11 8.68 14.89
CA ALA E 19 33.28 9.60 16.01
C ALA E 19 32.68 9.07 17.31
N CYS E 20 33.44 9.30 18.39
CA CYS E 20 33.04 9.01 19.77
C CYS E 20 33.12 10.32 20.53
N SER E 21 32.03 10.67 21.19
CA SER E 21 31.89 12.01 21.72
C SER E 21 30.92 12.04 22.89
N VAL E 22 31.26 12.89 23.84
CA VAL E 22 30.49 13.04 25.06
C VAL E 22 30.52 14.54 25.41
N ALA E 23 29.42 15.03 25.99
CA ALA E 23 29.34 16.42 26.39
C ALA E 23 28.39 16.62 27.58
N LEU E 24 28.57 17.74 28.29
CA LEU E 24 27.83 18.02 29.52
C LEU E 24 27.53 19.51 29.66
N LEU E 25 26.39 19.80 30.28
CA LEU E 25 25.93 21.16 30.53
C LEU E 25 25.75 21.37 32.03
N GLU E 27 26.75 22.33 35.91
CA GLU E 27 25.78 23.40 36.16
C GLU E 27 25.40 24.18 34.88
N GLY E 28 25.84 25.44 34.77
CA GLY E 28 25.51 26.28 33.61
C GLY E 28 26.55 26.23 32.51
N ARG E 29 27.73 25.69 32.82
CA ARG E 29 28.84 25.61 31.87
C ARG E 29 28.67 24.42 30.89
N ALA E 30 29.31 24.52 29.71
CA ALA E 30 29.20 23.47 28.66
C ALA E 30 30.54 22.96 28.13
N LEU E 31 30.83 21.65 28.30
CA LEU E 31 32.12 21.05 27.92
C LEU E 31 31.99 19.82 27.00
N SER E 32 32.98 19.64 26.13
CA SER E 32 32.94 18.61 25.08
C SER E 32 34.26 17.84 24.89
N HIS E 33 34.13 16.54 24.67
CA HIS E 33 35.26 15.64 24.40
C HIS E 33 35.00 14.85 23.12
N TYR E 34 35.88 14.97 22.12
CA TYR E 34 35.62 14.35 20.81
C TYR E 34 36.86 13.65 20.21
N GLU E 35 36.74 12.34 19.99
CA GLU E 35 37.82 11.49 19.48
C GLU E 35 37.34 10.65 18.32
N VAL E 36 38.03 10.73 17.18
CA VAL E 36 37.68 9.91 16.00
C VAL E 36 38.51 8.60 15.95
N ILE E 37 37.93 7.49 16.39
CA ILE E 37 38.57 6.17 16.18
C ILE E 37 37.54 5.03 16.18
N PRO E 38 37.52 4.20 15.10
CA PRO E 38 36.63 3.02 15.01
C PRO E 38 36.98 1.92 15.99
N LEU E 40 35.70 -0.96 19.37
CA LEU E 40 36.40 0.14 20.05
C LEU E 40 35.48 1.06 20.88
N HIS E 41 34.32 1.42 20.35
CA HIS E 41 33.37 2.32 21.06
C HIS E 41 32.95 1.81 22.45
N ALA E 42 32.77 0.49 22.57
CA ALA E 42 32.50 -0.17 23.86
C ALA E 42 33.67 -0.10 24.85
N GLN E 43 34.80 0.42 24.39
CA GLN E 43 35.97 0.60 25.23
C GLN E 43 36.06 2.06 25.69
N ARG E 44 36.08 3.01 24.75
CA ARG E 44 36.40 4.42 25.07
C ARG E 44 35.24 5.28 25.56
N LEU E 45 34.01 4.80 25.44
CA LEU E 45 32.85 5.61 25.83
C LEU E 45 32.87 5.93 27.32
N LEU E 46 32.69 4.90 28.16
CA LEU E 46 32.66 5.10 29.62
C LEU E 46 33.81 5.95 30.17
N PRO E 47 35.06 5.67 29.75
CA PRO E 47 36.15 6.52 30.25
C PRO E 47 35.92 8.00 29.97
N MET E 48 35.51 8.32 28.73
CA MET E 48 35.25 9.71 28.33
C MET E 48 34.21 10.37 29.23
N VAL E 49 33.23 9.57 29.64
CA VAL E 49 32.23 10.03 30.59
C VAL E 49 32.91 10.46 31.89
N ARG E 50 33.68 9.54 32.47
CA ARG E 50 34.34 9.77 33.77
C ARG E 50 35.32 10.95 33.71
N ASP E 51 36.14 10.98 32.66
CA ASP E 51 37.09 12.09 32.46
C ASP E 51 36.39 13.45 32.51
N LEU E 52 35.20 13.52 31.90
CA LEU E 52 34.47 14.79 31.77
C LEU E 52 33.76 15.21 33.05
N LEU E 53 33.16 14.25 33.75
CA LEU E 53 32.46 14.53 35.01
C LEU E 53 33.40 15.07 36.10
N ASP E 54 34.64 14.61 36.08
CA ASP E 54 35.63 15.00 37.09
C ASP E 54 36.40 16.26 36.70
N GLU E 55 36.76 16.40 35.43
CA GLU E 55 37.47 17.61 34.98
C GLU E 55 36.55 18.86 34.90
N ALA E 56 35.27 18.67 35.19
CA ALA E 56 34.32 19.77 35.35
C ALA E 56 33.90 19.82 36.82
N VAL E 58 31.97 17.52 38.91
CA VAL E 58 30.50 17.45 38.89
C VAL E 58 30.02 16.02 39.16
N ALA E 59 28.95 15.90 39.95
CA ALA E 59 28.41 14.61 40.37
C ALA E 59 27.53 13.97 39.31
N LEU E 60 27.59 12.65 39.21
CA LEU E 60 26.78 11.92 38.25
C LEU E 60 25.32 11.87 38.68
N SER E 61 25.08 11.77 39.98
CA SER E 61 23.73 11.75 40.51
C SER E 61 23.08 13.13 40.46
N ALA E 62 23.86 14.13 40.05
CA ALA E 62 23.36 15.49 39.83
C ALA E 62 22.76 15.68 38.44
N VAL E 63 23.02 14.73 37.54
CA VAL E 63 22.53 14.79 36.16
C VAL E 63 21.02 14.58 36.13
N ASP E 64 20.35 15.51 35.47
CA ASP E 64 18.88 15.55 35.41
C ASP E 64 18.33 14.78 34.21
N ALA E 65 19.07 14.78 33.09
CA ALA E 65 18.72 13.99 31.90
C ALA E 65 19.94 13.63 31.02
N ILE E 66 19.81 12.54 30.24
CA ILE E 66 20.86 12.09 29.33
C ILE E 66 20.39 12.03 27.87
N ALA E 67 21.11 12.70 27.00
CA ALA E 67 20.81 12.74 25.57
C ALA E 67 21.70 11.81 24.75
N PHE E 68 21.16 11.30 23.66
CA PHE E 68 21.90 10.37 22.84
C PHE E 68 21.56 10.45 21.34
N GLY E 69 22.53 10.10 20.51
CA GLY E 69 22.29 9.88 19.08
C GLY E 69 21.50 8.59 18.94
N ARG E 70 20.34 8.66 18.29
CA ARG E 70 19.48 7.48 18.13
C ARG E 70 19.77 6.82 16.79
N GLY E 71 20.69 7.42 16.06
CA GLY E 71 20.95 7.05 14.68
C GLY E 71 20.29 8.06 13.75
N PRO E 72 20.26 7.75 12.44
CA PRO E 72 20.88 6.55 11.88
C PRO E 72 22.40 6.60 11.92
N GLY E 73 23.03 5.48 11.59
CA GLY E 73 24.49 5.41 11.51
C GLY E 73 24.98 3.98 11.45
N ALA E 74 25.97 3.67 12.29
CA ALA E 74 26.46 2.30 12.45
C ALA E 74 25.45 1.48 13.24
N PHE E 75 25.06 0.33 12.71
CA PHE E 75 24.06 -0.51 13.35
C PHE E 75 24.45 -0.89 14.78
N THR E 76 25.72 -1.21 14.97
CA THR E 76 26.18 -1.64 16.27
C THR E 76 26.55 -0.42 17.09
N GLY E 77 27.29 0.49 16.46
CA GLY E 77 27.65 1.76 17.07
C GLY E 77 26.52 2.48 17.81
N VAL E 78 25.40 2.73 17.13
CA VAL E 78 24.30 3.43 17.78
C VAL E 78 23.87 2.62 19.00
N ARG E 79 23.83 1.29 18.83
CA ARG E 79 23.30 0.38 19.85
C ARG E 79 24.16 0.24 21.09
N ILE E 80 25.43 0.58 20.96
CA ILE E 80 26.31 0.57 22.11
C ILE E 80 26.01 1.76 22.97
N ALA E 81 25.89 2.92 22.34
CA ALA E 81 25.49 4.14 23.04
C ALA E 81 24.13 3.98 23.72
N ILE E 82 23.19 3.35 23.04
CA ILE E 82 21.85 3.14 23.59
C ILE E 82 21.92 2.32 24.86
N GLY E 83 22.68 1.23 24.80
CA GLY E 83 22.77 0.31 25.92
C GLY E 83 23.40 0.96 27.12
N VAL E 84 24.43 1.77 26.86
CA VAL E 84 25.07 2.54 27.91
C VAL E 84 24.09 3.52 28.55
N VAL E 85 23.45 4.32 27.71
CA VAL E 85 22.46 5.30 28.13
C VAL E 85 21.29 4.60 28.85
N GLN E 86 20.88 3.44 28.33
CA GLN E 86 19.80 2.69 28.95
C GLN E 86 20.21 2.32 30.37
N GLY E 87 21.43 1.81 30.51
CA GLY E 87 21.93 1.43 31.82
C GLY E 87 22.13 2.62 32.76
N LEU E 88 22.79 3.67 32.27
CA LEU E 88 23.11 4.82 33.12
C LEU E 88 21.86 5.40 33.70
N ALA E 89 20.91 5.70 32.82
CA ALA E 89 19.65 6.35 33.17
C ALA E 89 18.78 5.52 34.09
N PHE E 90 18.80 4.21 33.96
CA PHE E 90 17.93 3.34 34.77
C PHE E 90 18.38 3.38 36.21
N ALA E 91 19.67 3.12 36.43
CA ALA E 91 20.26 3.16 37.76
C ALA E 91 20.16 4.55 38.39
N LEU E 92 20.32 5.61 37.60
CA LEU E 92 20.15 6.97 38.10
C LEU E 92 18.67 7.32 38.29
N GLN E 93 17.81 6.64 37.55
CA GLN E 93 16.36 6.93 37.53
C GLN E 93 16.04 8.29 36.93
N ARG E 94 16.72 8.63 35.83
CA ARG E 94 16.53 9.90 35.13
C ARG E 94 16.00 9.64 33.71
N PRO E 95 15.40 10.65 33.07
CA PRO E 95 14.86 10.42 31.73
C PRO E 95 15.94 10.59 30.66
N VAL E 96 15.59 10.21 29.42
CA VAL E 96 16.54 10.32 28.29
C VAL E 96 15.98 11.13 27.12
N LEU E 97 16.89 11.59 26.25
CA LEU E 97 16.57 12.52 25.17
C LEU E 97 17.03 12.06 23.80
N ALA E 98 16.14 11.37 23.10
CA ALA E 98 16.44 10.82 21.78
C ALA E 98 16.57 11.92 20.72
N VAL E 99 17.71 11.94 20.04
CA VAL E 99 18.03 12.93 19.00
C VAL E 99 18.63 12.23 17.79
N SER E 100 18.16 12.61 16.60
CA SER E 100 18.71 12.09 15.35
C SER E 100 20.14 12.57 15.04
N ASP E 101 20.92 11.65 14.50
CA ASP E 101 22.29 11.93 14.08
C ASP E 101 22.36 12.84 12.86
N LEU E 102 21.37 12.78 11.99
CA LEU E 102 21.28 13.68 10.83
C LEU E 102 21.03 15.14 11.26
N ALA E 103 20.28 15.28 12.35
CA ALA E 103 19.98 16.57 12.98
C ALA E 103 21.21 17.18 13.65
N ILE E 104 22.00 16.31 14.29
CA ILE E 104 23.24 16.73 14.94
C ILE E 104 24.20 17.29 13.91
N LEU E 105 24.37 16.56 12.80
CA LEU E 105 25.08 17.07 11.63
C LEU E 105 24.59 18.42 11.17
N ALA E 106 23.27 18.59 11.18
CA ALA E 106 22.66 19.84 10.76
C ALA E 106 23.12 20.96 11.66
N GLN E 107 22.99 20.72 12.96
CA GLN E 107 23.36 21.70 13.97
C GLN E 107 24.85 21.97 13.96
N ARG E 108 25.65 20.96 13.64
CA ARG E 108 27.09 21.14 13.58
C ARG E 108 27.45 22.07 12.44
N ALA E 109 26.85 21.84 11.27
CA ALA E 109 27.13 22.66 10.08
C ALA E 109 26.64 24.09 10.26
N TYR E 110 25.66 24.27 11.13
CA TYR E 110 25.23 25.60 11.57
C TYR E 110 26.30 26.28 12.42
N ARG E 111 26.60 25.68 13.57
CA ARG E 111 27.62 26.20 14.48
C ARG E 111 28.94 26.48 13.73
N GLU E 112 29.39 25.51 12.94
CA GLU E 112 30.69 25.64 12.27
C GLU E 112 30.71 26.61 11.08
N GLN E 113 29.80 26.47 10.13
CA GLN E 113 29.86 27.32 8.92
C GLN E 113 28.70 28.29 8.73
N GLY E 114 27.79 28.34 9.70
CA GLY E 114 26.63 29.24 9.63
C GLY E 114 25.56 28.83 8.62
N ALA E 115 25.41 27.53 8.40
CA ALA E 115 24.43 27.02 7.45
C ALA E 115 23.06 26.97 8.11
N GLU E 116 22.09 27.66 7.51
CA GLU E 116 20.72 27.73 8.05
C GLU E 116 19.79 26.69 7.37
N ARG E 117 20.24 26.22 6.21
CA ARG E 117 19.59 25.12 5.48
C ARG E 117 20.59 24.02 5.18
N VAL E 118 20.44 22.89 5.87
CA VAL E 118 21.40 21.77 5.79
C VAL E 118 20.75 20.45 5.39
N ALA E 119 21.13 19.97 4.21
CA ALA E 119 20.83 18.64 3.76
C ALA E 119 21.91 17.70 4.31
N ALA E 120 21.56 17.00 5.39
CA ALA E 120 22.45 16.04 6.06
C ALA E 120 22.38 14.68 5.41
N ALA E 121 23.55 14.10 5.13
CA ALA E 121 23.62 12.76 4.54
C ALA E 121 24.74 11.92 5.14
N ILE E 122 24.36 10.84 5.80
CA ILE E 122 25.30 9.88 6.39
C ILE E 122 25.39 8.58 5.57
N ASP E 123 26.59 8.09 5.35
CA ASP E 123 26.77 6.90 4.51
C ASP E 123 26.12 5.67 5.13
N ALA E 124 25.43 4.89 4.32
CA ALA E 124 24.75 3.72 4.81
C ALA E 124 25.22 2.49 4.07
N ARG E 125 24.82 1.34 4.59
CA ARG E 125 25.06 0.07 3.95
C ARG E 125 24.41 0.01 2.58
N MET E 126 24.86 -0.95 1.79
CA MET E 126 24.14 -1.41 0.62
C MET E 126 23.98 -0.31 -0.44
N ASP E 127 25.01 0.52 -0.53
CA ASP E 127 25.10 1.58 -1.53
C ASP E 127 23.97 2.58 -1.41
N GLU E 128 23.71 3.01 -0.19
CA GLU E 128 22.65 3.97 0.05
C GLU E 128 23.15 5.02 1.04
N VAL E 129 22.34 6.06 1.22
CA VAL E 129 22.61 7.12 2.16
C VAL E 129 21.40 7.35 3.04
N TYR E 130 21.66 7.75 4.29
CA TYR E 130 20.64 8.21 5.18
C TYR E 130 20.53 9.69 4.90
N TRP E 131 19.30 10.17 4.72
CA TRP E 131 19.05 11.51 4.19
C TRP E 131 18.09 12.26 5.06
N GLY E 132 18.46 13.49 5.42
CA GLY E 132 17.60 14.34 6.22
C GLY E 132 17.90 15.81 6.03
N CYS E 133 16.85 16.60 5.82
CA CYS E 133 17.01 18.02 5.56
C CYS E 133 16.51 18.86 6.72
N TYR E 134 17.28 19.88 7.06
CA TYR E 134 17.06 20.64 8.29
C TYR E 134 17.16 22.11 8.03
N GLN E 135 16.28 22.85 8.68
CA GLN E 135 16.15 24.27 8.43
C GLN E 135 16.13 24.93 9.78
N LEU E 136 16.76 26.08 9.87
CA LEU E 136 16.97 26.68 11.14
C LEU E 136 15.75 27.39 11.57
N GLN E 137 15.19 26.98 12.69
CA GLN E 137 14.00 27.60 13.18
C GLN E 137 14.26 28.01 14.59
N GLN E 138 14.10 29.30 14.85
CA GLN E 138 14.49 29.87 16.12
C GLN E 138 15.95 29.59 16.24
N GLY E 139 16.37 28.94 17.32
CA GLY E 139 17.76 28.58 17.44
C GLY E 139 18.18 27.26 16.86
N GLU E 140 17.22 26.46 16.41
CA GLU E 140 17.47 25.06 16.19
C GLU E 140 17.21 24.61 14.78
N MET E 141 18.03 23.68 14.30
CA MET E 141 17.78 23.01 13.05
C MET E 141 16.62 22.08 13.28
N ARG E 142 15.68 22.06 12.37
CA ARG E 142 14.48 21.24 12.50
C ARG E 142 14.15 20.52 11.19
N LEU E 143 13.79 19.26 11.34
CA LEU E 143 13.55 18.35 10.22
C LEU E 143 12.49 18.89 9.27
N ALA E 144 12.77 18.90 7.98
CA ALA E 144 11.82 19.36 6.99
C ALA E 144 11.34 18.17 6.17
N GLY E 145 10.17 17.64 6.54
CA GLY E 145 9.68 16.42 5.92
C GLY E 145 10.04 15.24 6.80
N SER E 146 10.78 14.29 6.25
CA SER E 146 11.17 13.12 7.03
C SER E 146 12.54 12.56 6.64
N GLU E 147 13.10 11.74 7.53
CA GLU E 147 14.40 11.10 7.29
C GLU E 147 14.17 9.83 6.48
N ALA E 148 15.12 9.47 5.63
CA ALA E 148 14.96 8.27 4.81
C ALA E 148 16.30 7.56 4.54
N VAL E 149 16.21 6.38 3.95
CA VAL E 149 17.36 5.65 3.51
C VAL E 149 17.13 5.43 2.04
N LEU E 150 17.95 6.11 1.24
CA LEU E 150 17.77 6.19 -0.19
C LEU E 150 19.05 5.94 -0.96
N PRO E 151 18.94 5.49 -2.23
CA PRO E 151 20.08 5.57 -3.14
C PRO E 151 20.36 7.02 -3.38
N PRO E 152 21.61 7.36 -3.70
CA PRO E 152 21.92 8.78 -3.88
C PRO E 152 21.20 9.46 -5.04
N GLU E 153 20.72 8.69 -6.02
CA GLU E 153 20.09 9.28 -7.21
C GLU E 153 18.64 9.71 -6.98
N ARG E 154 18.06 9.24 -5.88
CA ARG E 154 16.65 9.47 -5.53
C ARG E 154 16.51 10.57 -4.47
N VAL E 155 17.63 11.13 -4.08
CA VAL E 155 17.68 12.06 -2.97
C VAL E 155 17.09 13.41 -3.42
N ALA E 156 16.38 14.09 -2.53
CA ALA E 156 15.72 15.36 -2.90
C ALA E 156 15.56 16.31 -1.72
N VAL E 157 15.58 17.61 -2.02
CA VAL E 157 15.46 18.66 -0.99
C VAL E 157 14.11 19.31 -1.01
N PRO E 158 13.70 19.89 0.12
CA PRO E 158 12.37 20.43 0.21
C PRO E 158 12.30 21.94 -0.01
N TRP E 159 13.43 22.53 -0.38
CA TRP E 159 13.52 23.96 -0.70
C TRP E 159 13.60 24.15 -2.20
N ASP E 160 13.44 25.40 -2.62
CA ASP E 160 13.71 25.80 -4.00
C ASP E 160 15.22 26.00 -4.13
N ALA E 161 15.76 25.88 -5.33
CA ALA E 161 17.19 26.18 -5.54
C ALA E 161 17.41 27.04 -6.78
N ALA E 164 17.61 29.08 -3.99
CA ALA E 164 18.11 29.30 -2.63
C ALA E 164 19.47 28.64 -2.34
N ASP E 165 20.02 28.98 -1.18
CA ASP E 165 21.35 28.54 -0.77
C ASP E 165 21.26 27.60 0.40
N TRP E 166 21.79 26.40 0.19
CA TRP E 166 21.72 25.33 1.18
C TRP E 166 23.07 24.60 1.25
N PHE E 167 23.27 23.86 2.33
CA PHE E 167 24.56 23.23 2.62
C PHE E 167 24.42 21.70 2.71
N GLY E 168 25.43 21.00 2.24
CA GLY E 168 25.51 19.55 2.35
C GLY E 168 26.49 19.12 3.42
N ALA E 169 25.99 18.49 4.49
CA ALA E 169 26.86 18.00 5.57
C ALA E 169 26.83 16.48 5.76
N GLY E 170 28.01 15.86 5.84
CA GLY E 170 28.14 14.45 6.23
C GLY E 170 28.72 13.53 5.17
N THR E 171 28.98 12.30 5.58
CA THR E 171 29.71 11.34 4.73
C THR E 171 28.96 10.89 3.50
N GLY E 172 27.62 10.84 3.59
CA GLY E 172 26.78 10.62 2.40
C GLY E 172 27.11 11.51 1.19
N TRP E 173 27.75 12.68 1.41
CA TRP E 173 28.13 13.57 0.31
C TRP E 173 29.38 13.15 -0.50
N GLY E 174 29.98 12.03 -0.13
CA GLY E 174 30.88 11.33 -1.03
C GLY E 174 30.22 10.92 -2.33
N TYR E 175 28.90 10.74 -2.30
CA TYR E 175 28.14 10.28 -3.45
C TYR E 175 27.53 11.42 -4.25
N VAL E 176 28.02 12.64 -4.01
CA VAL E 176 27.40 13.84 -4.56
C VAL E 176 27.24 13.79 -6.07
N GLU E 177 28.23 13.24 -6.75
CA GLU E 177 28.23 13.18 -8.19
C GLU E 177 27.06 12.36 -8.70
N ARG E 178 26.62 11.41 -7.89
CA ARG E 178 25.52 10.55 -8.26
C ARG E 178 24.15 11.12 -7.89
N MET E 179 24.12 12.27 -7.22
CA MET E 179 22.87 12.88 -6.77
C MET E 179 22.31 13.77 -7.87
N PRO E 180 20.99 14.08 -7.82
CA PRO E 180 20.41 14.90 -8.90
C PRO E 180 20.59 16.42 -8.70
N GLN E 181 21.03 16.81 -7.51
CA GLN E 181 21.31 18.20 -7.17
C GLN E 181 22.39 18.31 -6.06
N ARG E 182 23.19 19.36 -6.19
CA ARG E 182 24.37 19.63 -5.36
C ARG E 182 24.25 21.05 -4.78
N PRO E 183 24.62 21.26 -3.50
CA PRO E 183 24.56 22.61 -2.96
C PRO E 183 25.75 23.48 -3.35
N VAL E 184 25.68 24.77 -3.03
CA VAL E 184 26.77 25.71 -3.28
C VAL E 184 28.06 25.22 -2.61
N ALA E 185 27.97 24.85 -1.33
CA ALA E 185 29.10 24.37 -0.55
C ALA E 185 28.71 23.12 0.23
N LEU E 186 29.68 22.27 0.56
CA LEU E 186 29.39 21.07 1.34
C LEU E 186 30.61 20.55 2.10
N ASP E 187 30.38 19.83 3.20
CA ASP E 187 31.46 19.13 3.93
C ASP E 187 31.24 17.62 4.07
N ALA E 188 31.87 16.86 3.18
CA ALA E 188 31.76 15.40 3.16
C ALA E 188 32.38 14.65 4.33
N SER E 189 33.01 15.37 5.23
CA SER E 189 33.73 14.76 6.35
C SER E 189 33.12 15.06 7.71
N LEU E 190 32.00 15.77 7.75
CA LEU E 190 31.37 16.08 9.03
C LEU E 190 30.78 14.83 9.67
N LEU E 191 30.85 14.79 11.00
CA LEU E 191 30.34 13.67 11.79
C LEU E 191 29.60 14.19 13.02
N PRO E 192 28.61 13.42 13.50
CA PRO E 192 27.86 13.93 14.64
C PRO E 192 28.75 14.16 15.84
N HIS E 193 28.59 15.32 16.44
CA HIS E 193 29.39 15.80 17.56
C HIS E 193 28.55 16.07 18.81
N ALA E 194 29.02 15.57 19.95
CA ALA E 194 28.22 15.61 21.18
C ALA E 194 27.82 17.02 21.65
N GLU E 195 28.72 18.01 21.51
CA GLU E 195 28.37 19.43 21.70
C GLU E 195 27.03 19.78 21.03
N ASP E 196 26.92 19.46 19.74
CA ASP E 196 25.72 19.78 18.95
C ASP E 196 24.48 18.99 19.39
N LEU E 197 24.68 17.73 19.76
CA LEU E 197 23.63 16.94 20.38
C LEU E 197 23.10 17.65 21.64
N LEU E 198 24.01 18.24 22.39
CA LEU E 198 23.68 18.93 23.64
C LEU E 198 22.84 20.18 23.40
N SER E 199 23.24 20.97 22.40
CA SER E 199 22.41 22.08 21.96
C SER E 199 21.00 21.57 21.68
N LEU E 200 20.90 20.57 20.80
CA LEU E 200 19.61 19.99 20.38
C LEU E 200 18.81 19.43 21.54
N ALA E 201 19.51 18.89 22.53
CA ALA E 201 18.89 18.39 23.76
C ALA E 201 18.28 19.52 24.58
N GLY E 202 18.91 20.68 24.58
CA GLY E 202 18.37 21.85 25.28
C GLY E 202 16.94 22.12 24.84
N PHE E 203 16.76 22.26 23.53
CA PHE E 203 15.44 22.48 22.95
C PHE E 203 14.48 21.36 23.33
N ALA E 204 14.94 20.12 23.24
CA ALA E 204 14.08 18.96 23.56
C ALA E 204 13.71 18.87 25.04
N TRP E 205 14.66 19.16 25.92
CA TRP E 205 14.44 19.11 27.36
C TRP E 205 13.49 20.22 27.80
N ALA E 206 13.73 21.44 27.32
CA ALA E 206 12.88 22.60 27.60
C ALA E 206 11.42 22.40 27.13
N ARG E 207 11.25 21.63 26.05
CA ARG E 207 9.91 21.24 25.57
C ARG E 207 9.32 20.02 26.27
N GLY E 208 10.00 19.53 27.31
CA GLY E 208 9.59 18.32 28.02
C GLY E 208 9.36 17.15 27.06
N GLU E 209 10.45 16.68 26.47
CA GLU E 209 10.40 15.57 25.49
C GLU E 209 11.03 14.30 26.06
N GLY E 210 11.55 14.36 27.28
CA GLY E 210 12.21 13.22 27.90
C GLY E 210 11.31 12.00 28.04
N VAL E 211 11.93 10.81 28.03
CA VAL E 211 11.21 9.55 28.19
C VAL E 211 11.99 8.56 29.10
N GLU E 212 11.29 7.55 29.61
CA GLU E 212 11.88 6.56 30.53
C GLU E 212 12.91 5.66 29.83
N ALA E 213 13.92 5.27 30.60
CA ALA E 213 15.13 4.63 30.07
C ALA E 213 14.89 3.52 29.06
N GLU E 214 13.88 2.71 29.31
CA GLU E 214 13.52 1.61 28.42
C GLU E 214 13.21 2.11 27.01
N GLN E 215 12.46 3.20 26.90
CA GLN E 215 11.99 3.68 25.60
C GLN E 215 13.12 4.22 24.72
N ALA E 216 14.31 4.38 25.31
CA ALA E 216 15.53 4.71 24.55
C ALA E 216 15.84 3.62 23.55
N LEU E 217 15.77 3.96 22.27
CA LEU E 217 15.85 2.98 21.19
C LEU E 217 16.40 3.58 19.89
N PRO E 218 17.02 2.75 19.03
CA PRO E 218 17.53 3.26 17.75
C PRO E 218 16.42 3.38 16.73
N VAL E 219 16.63 4.24 15.73
CA VAL E 219 15.61 4.50 14.70
C VAL E 219 15.70 3.48 13.55
N TYR E 220 14.56 3.22 12.89
CA TYR E 220 14.45 2.27 11.76
C TYR E 220 13.77 2.98 10.58
NA NA F . -9.46 19.67 -8.40
NA NA G . -19.54 5.14 -8.34
NA NA H . 8.39 13.30 0.16
NA NA I . 17.10 -11.78 -3.71
#